data_5O4V
#
_entry.id   5O4V
#
_cell.length_a   57.559
_cell.length_b   121.881
_cell.length_c   179.053
_cell.angle_alpha   90.00
_cell.angle_beta   90.00
_cell.angle_gamma   90.00
#
_symmetry.space_group_name_H-M   'P 21 21 21'
#
loop_
_entity.id
_entity.type
_entity.pdbx_description
1 polymer 'Glycylpeptide N-tetradecanoyltransferase'
2 non-polymer 2-oxopentadecyl-CoA
3 non-polymer 1-[5-(4-fluoranyl-2-methyl-phenyl)-1~{H}-indazol-3-yl]-~{N},~{N}-dimethyl-methanamine
4 non-polymer 'DIMETHYL SULFOXIDE'
5 non-polymer 'MAGNESIUM ION'
6 non-polymer 'CHLORIDE ION'
7 non-polymer 'SULFATE ION'
8 non-polymer 'ethyl 2,4-dimethylquinoline-3-carboxylate'
9 water water
#
_entity_poly.entity_id   1
_entity_poly.type   'polypeptide(L)'
_entity_poly.pdbx_seq_one_letter_code
;IDYKFWYTQPVPKINDEFNESVNEPFISDNKVEDVRKDEYKLPPGYSWYVCDVKDEKDRSEIYTLLTDNYVEDDDNIFRF
NYSAEFLLWALTSPNYLKTWHIGVKYDASNKLIGFISAIPTDICIHKRTIKMAEVNFLCVHKTLRSKRLAPVLIKEITRR
INLENIWQAIYTAGVYLPKPVSDARYYHRSINVKKLIEIGFSSLNSRLTMSRAIKLYRVEDTLNIKNMRLMKKKDVEGVH
KLLGSYLEQFNLYAVFTKEEIAHWFLPIENVIYTYVNEENGKIKDMISFYSLPSQILGNDKYSTLNAAYSFYNVTTTATF
KQLMQDAILLAKRNNFDVFNALEVMQNKSVFEDLKFGEGDGSLKYYLYNWKCASFAPAHVGIVLL
;
_entity_poly.pdbx_strand_id   A,B,C
#
# COMPACT_ATOMS: atom_id res chain seq x y z
N ILE A 1 22.91 -22.38 23.89
CA ILE A 1 23.72 -23.29 24.79
C ILE A 1 23.28 -24.76 24.47
N ASP A 2 22.83 -25.57 25.44
CA ASP A 2 22.40 -26.92 25.10
C ASP A 2 20.90 -27.01 24.75
N TYR A 3 20.07 -26.13 25.33
CA TYR A 3 18.58 -26.27 25.18
C TYR A 3 18.07 -27.69 25.26
N LYS A 4 18.35 -28.34 26.39
CA LYS A 4 17.96 -29.72 26.55
C LYS A 4 16.43 -29.84 26.59
N PHE A 5 15.78 -28.80 27.12
CA PHE A 5 14.30 -28.77 27.15
C PHE A 5 13.76 -28.30 25.81
N TRP A 6 14.29 -27.16 25.34
CA TRP A 6 13.68 -26.55 24.14
C TRP A 6 13.77 -27.42 22.89
N TYR A 7 14.84 -28.22 22.82
CA TYR A 7 15.05 -29.07 21.69
C TYR A 7 14.12 -30.29 21.63
N THR A 8 13.39 -30.58 22.71
CA THR A 8 12.34 -31.60 22.71
C THR A 8 10.99 -31.11 22.20
N GLN A 9 10.92 -29.80 21.94
CA GLN A 9 9.68 -29.11 21.64
C GLN A 9 9.64 -28.79 20.16
N PRO A 10 8.40 -28.67 19.59
CA PRO A 10 8.20 -28.32 18.17
C PRO A 10 8.55 -26.84 17.91
N VAL A 11 9.86 -26.51 18.02
CA VAL A 11 10.36 -25.18 17.70
C VAL A 11 11.59 -25.35 16.79
N PRO A 12 11.99 -24.28 16.05
CA PRO A 12 13.13 -24.48 15.16
C PRO A 12 14.43 -24.77 15.97
N LYS A 13 15.35 -25.56 15.42
CA LYS A 13 16.73 -25.69 15.99
C LYS A 13 17.47 -24.34 15.83
N ILE A 14 18.50 -24.10 16.65
CA ILE A 14 19.34 -22.89 16.52
C ILE A 14 19.81 -22.63 15.06
N ASN A 15 20.07 -23.68 14.29
CA ASN A 15 20.54 -23.51 12.90
C ASN A 15 19.50 -23.30 11.82
N ASP A 16 18.25 -23.60 12.17
CA ASP A 16 17.16 -23.60 11.22
C ASP A 16 16.89 -22.21 10.59
N GLU A 17 16.85 -22.17 9.26
CA GLU A 17 16.43 -20.98 8.51
C GLU A 17 15.51 -21.47 7.42
N PHE A 18 14.37 -20.81 7.27
CA PHE A 18 13.36 -21.23 6.34
C PHE A 18 13.14 -20.21 5.27
N ASN A 19 12.86 -20.70 4.06
CA ASN A 19 12.55 -19.76 3.01
CA ASN A 19 12.43 -19.89 2.91
C ASN A 19 11.13 -19.13 3.16
N GLU A 20 10.92 -18.03 2.44
CA GLU A 20 9.65 -17.24 2.56
C GLU A 20 8.38 -17.99 2.25
N SER A 21 8.49 -19.00 1.42
CA SER A 21 7.34 -19.81 1.07
C SER A 21 6.85 -20.79 2.20
N VAL A 22 7.70 -21.06 3.20
CA VAL A 22 7.40 -22.01 4.31
C VAL A 22 6.62 -21.26 5.37
N ASN A 23 5.47 -21.80 5.71
CA ASN A 23 4.57 -21.14 6.66
C ASN A 23 3.60 -22.18 7.16
N GLU A 24 4.03 -23.02 8.09
CA GLU A 24 3.22 -24.17 8.50
C GLU A 24 3.64 -24.63 9.89
N PRO A 25 2.81 -25.42 10.59
CA PRO A 25 3.24 -26.09 11.84
C PRO A 25 4.48 -26.99 11.67
N PHE A 26 5.25 -27.16 12.75
CA PHE A 26 6.15 -28.33 12.82
C PHE A 26 5.41 -29.67 12.90
N ILE A 27 4.30 -29.68 13.64
CA ILE A 27 3.56 -30.94 13.87
C ILE A 27 2.12 -30.59 13.60
N SER A 28 1.56 -31.22 12.57
CA SER A 28 0.18 -30.96 12.12
CA SER A 28 0.16 -30.93 12.20
C SER A 28 -0.68 -32.17 12.44
N ASP A 29 -1.98 -32.11 12.16
CA ASP A 29 -2.89 -33.28 12.40
C ASP A 29 -2.84 -33.73 13.89
N ASN A 30 -2.88 -32.76 14.80
CA ASN A 30 -2.93 -33.06 16.23
C ASN A 30 -4.36 -33.41 16.60
N LYS A 31 -4.53 -34.21 17.66
CA LYS A 31 -5.84 -34.79 18.04
C LYS A 31 -6.13 -34.43 19.49
N VAL A 32 -7.12 -33.54 19.73
CA VAL A 32 -7.55 -33.22 21.10
C VAL A 32 -7.75 -34.46 21.95
N GLU A 33 -8.34 -35.49 21.34
CA GLU A 33 -8.61 -36.77 22.04
C GLU A 33 -7.36 -37.46 22.62
N ASP A 34 -6.18 -37.20 22.04
CA ASP A 34 -4.89 -37.80 22.47
C ASP A 34 -4.16 -37.02 23.54
N VAL A 35 -4.60 -35.77 23.84
CA VAL A 35 -3.94 -34.90 24.81
C VAL A 35 -4.01 -35.58 26.17
N ARG A 36 -2.88 -35.58 26.87
CA ARG A 36 -2.81 -36.10 28.25
C ARG A 36 -3.86 -35.42 29.12
N LYS A 37 -4.58 -36.24 29.87
CA LYS A 37 -5.61 -35.72 30.76
C LYS A 37 -5.14 -35.55 32.21
N ASP A 38 -3.96 -36.07 32.54
CA ASP A 38 -3.31 -35.86 33.81
C ASP A 38 -2.44 -34.58 33.89
N GLU A 39 -2.47 -33.94 35.04
CA GLU A 39 -1.55 -32.80 35.29
C GLU A 39 -0.12 -33.30 35.36
N TYR A 40 0.84 -32.55 34.82
CA TYR A 40 2.25 -32.81 35.02
C TYR A 40 2.61 -32.84 36.49
N LYS A 41 3.52 -33.76 36.83
CA LYS A 41 4.00 -33.90 38.17
C LYS A 41 4.89 -32.72 38.63
N LEU A 42 4.60 -32.23 39.83
CA LEU A 42 5.43 -31.20 40.46
C LEU A 42 6.34 -31.91 41.45
N PRO A 43 7.45 -31.28 41.89
CA PRO A 43 8.25 -31.99 42.90
C PRO A 43 7.48 -32.13 44.24
N PRO A 44 7.92 -33.06 45.13
CA PRO A 44 7.22 -33.24 46.43
C PRO A 44 6.97 -31.94 47.19
N GLY A 45 5.77 -31.74 47.72
CA GLY A 45 5.43 -30.59 48.55
C GLY A 45 4.94 -29.36 47.81
N TYR A 46 4.76 -29.53 46.50
CA TYR A 46 4.19 -28.49 45.60
C TYR A 46 2.95 -28.97 44.89
N SER A 47 2.01 -28.05 44.70
CA SER A 47 0.72 -28.34 44.07
C SER A 47 0.31 -27.23 43.09
N TRP A 48 -0.37 -27.67 42.02
CA TRP A 48 -1.09 -26.80 41.07
C TRP A 48 -2.16 -26.00 41.80
N TYR A 49 -2.43 -24.79 41.32
CA TYR A 49 -3.42 -23.94 41.96
C TYR A 49 -4.08 -23.15 40.84
N VAL A 50 -5.41 -23.20 40.72
CA VAL A 50 -6.07 -22.46 39.63
C VAL A 50 -6.38 -21.08 40.23
N CYS A 51 -5.72 -20.03 39.70
CA CYS A 51 -5.88 -18.67 40.24
C CYS A 51 -7.17 -18.06 39.67
N ASP A 52 -7.92 -17.34 40.51
CA ASP A 52 -9.05 -16.56 39.96
C ASP A 52 -8.68 -15.07 39.93
N VAL A 53 -8.23 -14.63 38.76
CA VAL A 53 -7.73 -13.26 38.62
CA VAL A 53 -7.74 -13.26 38.58
C VAL A 53 -8.82 -12.23 38.89
N LYS A 54 -10.10 -12.61 38.76
CA LYS A 54 -11.18 -11.71 39.15
C LYS A 54 -11.38 -11.54 40.66
N ASP A 55 -10.77 -12.43 41.44
CA ASP A 55 -10.91 -12.36 42.88
C ASP A 55 -9.75 -11.49 43.36
N GLU A 56 -10.07 -10.43 44.08
CA GLU A 56 -9.05 -9.47 44.52
C GLU A 56 -7.90 -10.16 45.23
N LYS A 57 -8.18 -11.09 46.14
CA LYS A 57 -7.13 -11.72 46.94
C LYS A 57 -6.25 -12.68 46.14
N ASP A 58 -6.84 -13.54 45.31
CA ASP A 58 -6.03 -14.39 44.35
C ASP A 58 -5.19 -13.50 43.43
N ARG A 59 -5.77 -12.39 42.96
CA ARG A 59 -5.07 -11.45 42.06
C ARG A 59 -3.89 -10.82 42.79
N SER A 60 -4.11 -10.46 44.06
N SER A 60 -4.11 -10.46 44.06
CA SER A 60 -3.02 -9.89 44.88
CA SER A 60 -3.03 -9.91 44.89
C SER A 60 -1.86 -10.84 45.16
C SER A 60 -1.87 -10.84 45.15
N GLU A 61 -2.13 -12.16 45.18
CA GLU A 61 -1.06 -13.16 45.36
CA GLU A 61 -1.01 -13.08 45.41
C GLU A 61 -0.15 -13.20 44.14
N ILE A 62 -0.78 -13.12 42.97
CA ILE A 62 -0.03 -13.12 41.68
C ILE A 62 0.81 -11.82 41.68
N TYR A 63 0.15 -10.71 42.07
CA TYR A 63 0.80 -9.38 42.13
C TYR A 63 2.06 -9.42 42.96
N THR A 64 1.93 -9.88 44.20
CA THR A 64 3.10 -10.06 45.08
C THR A 64 4.18 -10.90 44.43
N LEU A 65 3.83 -12.08 43.93
CA LEU A 65 4.83 -12.97 43.32
C LEU A 65 5.64 -12.24 42.22
N LEU A 66 4.94 -11.46 41.42
CA LEU A 66 5.66 -10.81 40.29
C LEU A 66 6.41 -9.60 40.80
N THR A 67 5.83 -8.86 41.74
CA THR A 67 6.48 -7.63 42.24
C THR A 67 7.85 -8.02 42.77
N ASP A 68 7.89 -9.17 43.48
CA ASP A 68 9.15 -9.65 44.04
C ASP A 68 10.07 -10.49 43.16
N ASN A 69 9.58 -11.10 42.07
CA ASN A 69 10.39 -12.16 41.40
C ASN A 69 10.41 -12.09 39.88
N TYR A 70 9.79 -11.05 39.30
CA TYR A 70 9.64 -11.04 37.84
C TYR A 70 10.89 -10.39 37.20
N VAL A 71 10.80 -9.94 35.95
CA VAL A 71 11.97 -9.60 35.12
C VAL A 71 12.69 -8.39 35.66
N GLU A 72 14.01 -8.45 35.62
CA GLU A 72 14.90 -7.39 35.97
C GLU A 72 15.71 -7.05 34.73
N ASP A 73 16.21 -5.81 34.64
CA ASP A 73 17.10 -5.49 33.54
C ASP A 73 18.43 -6.17 33.80
N ASP A 74 19.31 -6.13 32.81
CA ASP A 74 20.55 -6.89 32.87
C ASP A 74 21.46 -6.47 34.02
N ASP A 75 21.39 -5.23 34.47
CA ASP A 75 22.17 -4.77 35.60
C ASP A 75 21.49 -4.79 36.96
N ASN A 76 20.30 -5.39 37.04
CA ASN A 76 19.52 -5.42 38.31
C ASN A 76 19.35 -4.05 39.00
N ILE A 77 19.07 -3.02 38.21
CA ILE A 77 18.65 -1.68 38.68
C ILE A 77 17.11 -1.61 38.80
N PHE A 78 16.45 -2.34 37.88
CA PHE A 78 14.97 -2.29 37.73
C PHE A 78 14.36 -3.66 37.89
N ARG A 79 13.14 -3.71 38.42
CA ARG A 79 12.29 -4.87 38.30
CA ARG A 79 12.29 -4.88 38.28
C ARG A 79 10.89 -4.42 37.88
N PHE A 80 10.33 -5.03 36.82
CA PHE A 80 8.96 -4.69 36.40
C PHE A 80 7.98 -4.80 37.58
N ASN A 81 7.02 -3.88 37.67
CA ASN A 81 6.09 -3.82 38.79
C ASN A 81 4.67 -3.66 38.20
N TYR A 82 4.26 -4.66 37.42
CA TYR A 82 2.90 -4.64 36.82
C TYR A 82 1.88 -4.46 37.98
N SER A 83 0.92 -3.57 37.84
CA SER A 83 -0.09 -3.40 38.87
C SER A 83 -1.16 -4.48 38.85
N ALA A 84 -1.85 -4.65 39.98
CA ALA A 84 -2.87 -5.67 40.09
C ALA A 84 -3.96 -5.38 39.07
N GLU A 85 -4.28 -4.09 38.91
CA GLU A 85 -5.38 -3.75 37.98
C GLU A 85 -4.93 -4.03 36.56
N PHE A 86 -3.62 -3.85 36.29
CA PHE A 86 -3.07 -4.12 34.94
C PHE A 86 -3.16 -5.64 34.67
N LEU A 87 -2.86 -6.43 35.69
CA LEU A 87 -2.95 -7.87 35.52
C LEU A 87 -4.38 -8.32 35.25
N LEU A 88 -5.33 -7.74 35.96
CA LEU A 88 -6.72 -8.10 35.67
C LEU A 88 -7.00 -7.86 34.14
N TRP A 89 -6.63 -6.69 33.63
CA TRP A 89 -6.84 -6.32 32.25
C TRP A 89 -6.13 -7.26 31.29
N ALA A 90 -4.86 -7.54 31.57
CA ALA A 90 -4.06 -8.32 30.66
C ALA A 90 -4.56 -9.76 30.62
N LEU A 91 -5.28 -10.20 31.66
CA LEU A 91 -5.61 -11.66 31.73
C LEU A 91 -7.09 -12.01 31.46
N THR A 92 -7.94 -11.00 31.37
CA THR A 92 -9.40 -11.22 31.30
C THR A 92 -9.99 -10.63 30.01
N SER A 93 -9.23 -10.72 28.92
CA SER A 93 -9.66 -10.32 27.63
C SER A 93 -10.69 -11.32 27.05
N PRO A 94 -11.31 -10.98 25.91
CA PRO A 94 -12.46 -11.84 25.46
C PRO A 94 -12.11 -13.30 25.26
N ASN A 95 -12.99 -14.17 25.78
CA ASN A 95 -12.86 -15.62 25.70
C ASN A 95 -11.69 -16.21 26.56
N TYR A 96 -11.17 -15.42 27.51
CA TYR A 96 -10.12 -15.93 28.39
C TYR A 96 -10.67 -17.17 29.12
N LEU A 97 -9.76 -18.10 29.42
CA LEU A 97 -10.02 -19.19 30.30
C LEU A 97 -9.33 -19.03 31.62
N LYS A 98 -10.10 -19.05 32.70
CA LYS A 98 -9.63 -19.17 34.04
C LYS A 98 -8.60 -20.30 34.20
N THR A 99 -8.81 -21.44 33.51
CA THR A 99 -7.89 -22.59 33.63
C THR A 99 -6.52 -22.40 32.92
N TRP A 100 -6.33 -21.27 32.25
CA TRP A 100 -5.00 -20.91 31.67
C TRP A 100 -4.29 -19.92 32.52
N HIS A 101 -4.77 -19.70 33.75
CA HIS A 101 -4.05 -18.88 34.75
C HIS A 101 -3.58 -19.85 35.88
N ILE A 102 -2.36 -20.35 35.74
CA ILE A 102 -1.88 -21.56 36.44
C ILE A 102 -0.85 -21.16 37.45
N GLY A 103 -1.09 -21.46 38.71
CA GLY A 103 -0.14 -21.18 39.78
C GLY A 103 0.38 -22.45 40.38
N VAL A 104 1.47 -22.29 41.14
CA VAL A 104 2.08 -23.38 41.85
C VAL A 104 2.25 -22.89 43.29
N LYS A 105 1.69 -23.66 44.24
CA LYS A 105 1.78 -23.37 45.66
C LYS A 105 2.76 -24.34 46.37
N TYR A 106 3.49 -23.83 47.35
CA TYR A 106 4.31 -24.62 48.23
C TYR A 106 3.29 -25.10 49.29
N ASP A 107 3.07 -26.41 49.43
CA ASP A 107 1.95 -26.82 50.30
C ASP A 107 2.06 -26.30 51.74
N ALA A 108 3.25 -26.41 52.33
CA ALA A 108 3.38 -26.11 53.76
C ALA A 108 3.19 -24.63 54.19
N SER A 109 3.53 -23.65 53.34
CA SER A 109 3.26 -22.21 53.58
C SER A 109 1.95 -21.71 52.91
N ASN A 110 1.40 -22.53 52.01
CA ASN A 110 0.24 -22.16 51.20
C ASN A 110 0.53 -20.92 50.34
N LYS A 111 1.80 -20.72 50.01
CA LYS A 111 2.20 -19.51 49.31
C LYS A 111 2.44 -19.78 47.81
N LEU A 112 2.05 -18.84 46.96
CA LEU A 112 2.25 -18.95 45.51
C LEU A 112 3.76 -18.76 45.15
N ILE A 113 4.41 -19.73 44.55
CA ILE A 113 5.83 -19.62 44.16
C ILE A 113 6.10 -19.79 42.67
N GLY A 114 5.04 -20.04 41.90
CA GLY A 114 5.21 -20.22 40.45
C GLY A 114 3.94 -19.74 39.75
N PHE A 115 4.06 -19.32 38.48
CA PHE A 115 2.89 -18.83 37.71
C PHE A 115 3.24 -18.91 36.20
N ILE A 116 2.21 -19.12 35.39
CA ILE A 116 2.27 -18.92 33.95
C ILE A 116 0.83 -18.68 33.48
N SER A 117 0.68 -17.96 32.38
CA SER A 117 -0.71 -17.61 31.90
C SER A 117 -0.76 -17.65 30.39
N ALA A 118 -1.94 -17.87 29.86
CA ALA A 118 -2.13 -17.66 28.45
C ALA A 118 -3.55 -17.11 28.27
N ILE A 119 -3.73 -16.35 27.20
CA ILE A 119 -5.05 -15.93 26.74
C ILE A 119 -5.14 -16.26 25.26
N PRO A 120 -6.35 -16.49 24.73
CA PRO A 120 -6.47 -16.84 23.30
C PRO A 120 -6.54 -15.63 22.38
N THR A 121 -6.04 -15.77 21.16
CA THR A 121 -5.99 -14.65 20.25
C THR A 121 -5.85 -15.25 18.81
N ASP A 122 -6.39 -14.57 17.78
CA ASP A 122 -6.11 -14.95 16.41
CA ASP A 122 -6.13 -14.95 16.40
C ASP A 122 -4.90 -14.16 15.93
N ILE A 123 -3.90 -14.87 15.46
CA ILE A 123 -2.59 -14.33 15.05
C ILE A 123 -2.43 -14.57 13.54
N CYS A 124 -2.15 -13.51 12.82
CA CYS A 124 -1.83 -13.63 11.39
C CYS A 124 -0.32 -13.60 11.20
N ILE A 125 0.26 -14.75 10.78
CA ILE A 125 1.68 -14.90 10.53
C ILE A 125 1.87 -15.12 9.00
N HIS A 126 2.56 -14.17 8.33
CA HIS A 126 2.78 -14.30 6.88
CA HIS A 126 2.77 -14.26 6.86
C HIS A 126 1.44 -14.61 6.16
N LYS A 127 0.37 -13.88 6.50
CA LYS A 127 -0.92 -13.94 5.77
CA LYS A 127 -0.93 -13.93 5.79
C LYS A 127 -1.76 -15.20 6.05
N ARG A 128 -1.44 -15.94 7.11
CA ARG A 128 -2.28 -17.10 7.51
C ARG A 128 -2.74 -16.85 8.96
N THR A 129 -4.05 -16.89 9.23
CA THR A 129 -4.59 -16.52 10.51
C THR A 129 -4.79 -17.79 11.24
N ILE A 130 -4.18 -17.82 12.42
CA ILE A 130 -4.12 -19.02 13.25
C ILE A 130 -4.67 -18.71 14.65
N LYS A 131 -5.54 -19.55 15.18
CA LYS A 131 -5.95 -19.35 16.60
CA LYS A 131 -5.95 -19.38 16.60
C LYS A 131 -4.78 -19.81 17.48
N MET A 132 -4.29 -18.91 18.33
CA MET A 132 -3.11 -19.19 19.16
C MET A 132 -3.34 -18.83 20.60
N ALA A 133 -2.42 -19.27 21.46
CA ALA A 133 -2.42 -18.79 22.82
C ALA A 133 -1.26 -17.81 22.93
N GLU A 134 -1.49 -16.70 23.60
CA GLU A 134 -0.43 -15.77 23.95
CA GLU A 134 -0.41 -15.80 23.94
C GLU A 134 0.02 -16.07 25.38
N VAL A 135 1.26 -16.53 25.55
CA VAL A 135 1.77 -16.87 26.85
C VAL A 135 2.51 -15.70 27.42
N ASN A 136 2.32 -15.52 28.72
CA ASN A 136 2.94 -14.35 29.43
C ASN A 136 3.00 -14.55 30.95
N PHE A 137 3.81 -13.74 31.67
CA PHE A 137 3.93 -13.82 33.15
C PHE A 137 4.42 -15.14 33.74
N LEU A 138 5.18 -15.90 32.96
CA LEU A 138 5.92 -17.05 33.51
C LEU A 138 6.88 -16.52 34.57
N CYS A 139 6.78 -17.09 35.78
CA CYS A 139 7.61 -16.66 36.90
C CYS A 139 7.80 -17.78 37.88
N VAL A 140 9.07 -18.01 38.26
CA VAL A 140 9.45 -18.91 39.40
C VAL A 140 10.08 -18.02 40.53
N HIS A 141 9.72 -18.28 41.79
CA HIS A 141 10.20 -17.56 42.92
C HIS A 141 11.73 -17.55 42.89
N LYS A 142 12.34 -16.41 43.20
CA LYS A 142 13.82 -16.32 43.15
C LYS A 142 14.51 -17.45 43.95
N THR A 143 13.90 -17.88 45.03
CA THR A 143 14.54 -18.91 45.86
C THR A 143 14.51 -20.30 45.25
N LEU A 144 13.77 -20.49 44.15
CA LEU A 144 13.57 -21.83 43.51
C LEU A 144 14.11 -21.87 42.09
N ARG A 145 14.99 -20.93 41.74
CA ARG A 145 15.49 -20.86 40.35
C ARG A 145 16.40 -22.06 39.95
N SER A 146 16.52 -22.31 38.65
CA SER A 146 17.37 -23.36 38.06
C SER A 146 17.11 -24.76 38.63
N LYS A 147 15.84 -25.03 38.95
CA LYS A 147 15.43 -26.36 39.43
C LYS A 147 14.57 -27.09 38.38
N ARG A 148 14.54 -26.58 37.14
CA ARG A 148 13.76 -27.16 36.07
C ARG A 148 12.24 -27.11 36.34
N LEU A 149 11.78 -26.16 37.14
CA LEU A 149 10.33 -25.92 37.31
C LEU A 149 9.69 -25.23 36.07
N ALA A 150 10.46 -24.39 35.38
CA ALA A 150 9.88 -23.66 34.23
C ALA A 150 9.35 -24.64 33.16
N PRO A 151 10.13 -25.67 32.79
CA PRO A 151 9.58 -26.60 31.81
C PRO A 151 8.32 -27.33 32.29
N VAL A 152 8.16 -27.51 33.60
CA VAL A 152 6.92 -28.11 34.09
C VAL A 152 5.77 -27.14 33.82
N LEU A 153 5.96 -25.85 34.15
CA LEU A 153 4.90 -24.84 33.92
C LEU A 153 4.57 -24.74 32.40
N ILE A 154 5.63 -24.75 31.58
CA ILE A 154 5.46 -24.71 30.13
C ILE A 154 4.73 -25.93 29.59
N LYS A 155 5.08 -27.12 30.07
CA LYS A 155 4.39 -28.35 29.58
C LYS A 155 2.95 -28.40 30.05
N GLU A 156 2.69 -28.02 31.31
CA GLU A 156 1.32 -28.00 31.87
C GLU A 156 0.42 -27.01 31.06
N ILE A 157 0.88 -25.79 30.83
CA ILE A 157 0.06 -24.90 30.07
C ILE A 157 -0.15 -25.34 28.60
N THR A 158 0.90 -25.91 27.99
CA THR A 158 0.77 -26.41 26.62
C THR A 158 -0.32 -27.47 26.66
N ARG A 159 -0.32 -28.29 27.71
CA ARG A 159 -1.31 -29.37 27.77
C ARG A 159 -2.74 -28.77 27.83
N ARG A 160 -2.92 -27.75 28.67
CA ARG A 160 -4.25 -27.15 28.82
C ARG A 160 -4.69 -26.43 27.57
N ILE A 161 -3.73 -25.80 26.89
CA ILE A 161 -4.03 -25.13 25.63
C ILE A 161 -4.48 -26.17 24.57
N ASN A 162 -3.69 -27.25 24.39
CA ASN A 162 -4.05 -28.32 23.50
C ASN A 162 -5.41 -28.96 23.80
N LEU A 163 -5.82 -29.07 25.07
CA LEU A 163 -7.22 -29.42 25.37
C LEU A 163 -8.27 -28.58 24.67
N GLU A 164 -7.95 -27.31 24.36
CA GLU A 164 -8.91 -26.48 23.64
C GLU A 164 -8.72 -26.54 22.15
N ASN A 165 -8.07 -27.62 21.62
CA ASN A 165 -7.80 -27.78 20.19
C ASN A 165 -6.99 -26.59 19.61
N ILE A 166 -6.13 -25.97 20.45
CA ILE A 166 -5.19 -24.93 20.00
C ILE A 166 -3.74 -25.47 20.08
N TRP A 167 -2.93 -25.31 18.99
CA TRP A 167 -1.61 -26.02 18.82
C TRP A 167 -0.43 -25.11 18.50
N GLN A 168 -0.66 -23.80 18.52
CA GLN A 168 0.36 -22.77 18.28
C GLN A 168 0.31 -21.75 19.37
N ALA A 169 1.46 -21.09 19.64
CA ALA A 169 1.46 -20.06 20.67
C ALA A 169 2.38 -18.95 20.22
N ILE A 170 2.12 -17.76 20.72
CA ILE A 170 3.07 -16.65 20.58
C ILE A 170 3.60 -16.23 21.96
N TYR A 171 4.85 -15.80 22.00
CA TYR A 171 5.45 -15.32 23.25
C TYR A 171 6.66 -14.43 22.91
N THR A 172 7.06 -13.62 23.88
CA THR A 172 8.26 -12.75 23.74
C THR A 172 9.13 -12.91 25.02
N ALA A 173 10.44 -12.61 24.90
CA ALA A 173 11.36 -12.71 26.03
C ALA A 173 12.55 -11.90 25.60
N GLY A 174 13.24 -11.32 26.60
CA GLY A 174 14.56 -10.66 26.40
C GLY A 174 15.69 -11.67 26.21
N VAL A 175 15.49 -12.90 26.65
CA VAL A 175 16.47 -14.00 26.50
C VAL A 175 16.39 -14.67 25.15
N TYR A 176 17.58 -15.04 24.65
CA TYR A 176 17.65 -15.82 23.41
C TYR A 176 17.29 -17.31 23.59
N LEU A 177 16.24 -17.76 22.88
CA LEU A 177 15.75 -19.15 22.94
C LEU A 177 15.63 -19.65 21.51
N PRO A 178 15.56 -20.99 21.27
CA PRO A 178 15.29 -21.44 19.89
C PRO A 178 13.83 -21.17 19.53
N LYS A 179 13.52 -20.37 18.50
CA LYS A 179 14.44 -19.41 17.82
C LYS A 179 13.58 -18.26 17.42
N PRO A 180 14.07 -17.02 17.52
CA PRO A 180 13.19 -15.91 17.25
C PRO A 180 12.72 -15.86 15.79
N VAL A 181 11.46 -15.49 15.57
CA VAL A 181 10.92 -15.10 14.27
CA VAL A 181 10.95 -15.13 14.26
C VAL A 181 11.30 -13.64 13.97
N SER A 182 11.56 -12.89 15.01
CA SER A 182 12.02 -11.49 14.86
C SER A 182 12.67 -10.98 16.17
N ASP A 183 13.51 -9.96 16.07
CA ASP A 183 14.23 -9.52 17.24
C ASP A 183 14.15 -7.99 17.22
N ALA A 184 13.60 -7.37 18.26
CA ALA A 184 13.42 -5.92 18.25
C ALA A 184 14.14 -5.23 19.43
N ARG A 185 15.17 -4.42 19.15
CA ARG A 185 15.73 -3.51 20.16
C ARG A 185 14.69 -2.50 20.71
N TYR A 186 14.85 -2.23 22.00
CA TYR A 186 14.07 -1.13 22.61
C TYR A 186 14.81 0.19 22.76
N TYR A 187 14.03 1.26 22.73
CA TYR A 187 14.57 2.63 22.79
C TYR A 187 13.81 3.39 23.84
N HIS A 188 14.44 4.43 24.38
CA HIS A 188 13.85 5.16 25.51
C HIS A 188 13.91 6.65 25.23
N ARG A 189 12.80 7.31 25.50
CA ARG A 189 12.73 8.76 25.32
C ARG A 189 12.54 9.36 26.70
N SER A 190 13.58 10.02 27.21
CA SER A 190 13.52 10.59 28.54
C SER A 190 12.46 11.69 28.64
N ILE A 191 11.66 11.64 29.70
CA ILE A 191 10.71 12.73 29.97
C ILE A 191 11.11 13.51 31.24
N ASN A 192 11.25 12.82 32.38
CA ASN A 192 11.71 13.41 33.60
C ASN A 192 13.21 13.16 33.70
N VAL A 193 13.99 14.01 33.03
CA VAL A 193 15.40 13.65 32.84
C VAL A 193 16.19 13.80 34.16
N LYS A 194 15.80 14.72 35.04
CA LYS A 194 16.46 14.80 36.32
C LYS A 194 16.33 13.51 37.16
N LYS A 195 15.10 12.99 37.24
CA LYS A 195 14.92 11.73 37.90
C LYS A 195 15.80 10.63 37.30
N LEU A 196 15.82 10.53 35.96
CA LEU A 196 16.59 9.54 35.20
C LEU A 196 18.11 9.60 35.48
N ILE A 197 18.65 10.81 35.57
N ILE A 197 18.65 10.80 35.59
CA ILE A 197 20.05 11.03 35.97
CA ILE A 197 20.07 10.93 35.95
C ILE A 197 20.28 10.53 37.40
C ILE A 197 20.33 10.59 37.41
N GLU A 198 19.42 10.99 38.31
CA GLU A 198 19.56 10.69 39.73
C GLU A 198 19.58 9.16 40.09
N ILE A 199 18.86 8.32 39.34
CA ILE A 199 18.82 6.89 39.61
C ILE A 199 19.88 6.13 38.82
N GLY A 200 20.72 6.85 38.06
CA GLY A 200 21.90 6.26 37.44
C GLY A 200 21.68 5.91 35.97
N PHE A 201 20.50 6.24 35.44
CA PHE A 201 20.18 5.74 34.13
C PHE A 201 20.81 6.55 33.02
N SER A 202 20.57 7.87 33.03
CA SER A 202 21.09 8.76 31.98
C SER A 202 22.45 9.35 32.41
N SER A 203 23.18 9.87 31.42
CA SER A 203 24.56 10.31 31.58
C SER A 203 24.74 11.78 31.20
N LEU A 204 25.52 12.51 32.03
CA LEU A 204 25.90 13.92 31.84
C LEU A 204 27.40 14.04 31.56
N ASN A 205 27.85 15.18 31.02
CA ASN A 205 29.31 15.47 30.81
C ASN A 205 29.61 16.96 30.68
N SER A 206 30.84 17.36 30.31
CA SER A 206 31.18 18.80 30.12
C SER A 206 30.23 19.57 29.19
N ARG A 207 29.86 18.89 28.12
CA ARG A 207 29.05 19.44 27.05
C ARG A 207 27.59 19.39 27.49
N LEU A 208 27.20 18.29 28.11
CA LEU A 208 25.82 18.10 28.50
C LEU A 208 25.66 18.17 30.03
N THR A 209 25.61 19.39 30.57
CA THR A 209 25.36 19.66 31.97
C THR A 209 23.92 19.35 32.36
N MET A 210 23.64 19.35 33.66
CA MET A 210 22.28 19.08 34.14
C MET A 210 21.29 20.04 33.46
N SER A 211 21.51 21.37 33.54
CA SER A 211 20.59 22.31 32.91
C SER A 211 20.40 22.08 31.36
N ARG A 212 21.47 21.70 30.67
CA ARG A 212 21.41 21.47 29.23
C ARG A 212 20.63 20.19 28.88
N ALA A 213 20.77 19.16 29.71
CA ALA A 213 20.01 17.93 29.54
C ALA A 213 18.54 18.21 29.68
N ILE A 214 18.16 18.94 30.72
CA ILE A 214 16.74 19.31 30.95
C ILE A 214 16.23 20.10 29.71
N LYS A 215 17.01 21.07 29.20
CA LYS A 215 16.57 21.89 28.04
C LYS A 215 16.34 20.96 26.83
N LEU A 216 17.26 20.02 26.66
CA LEU A 216 17.26 19.16 25.51
C LEU A 216 15.97 18.32 25.42
N TYR A 217 15.44 17.90 26.58
CA TYR A 217 14.28 17.01 26.60
C TYR A 217 12.94 17.70 26.82
N ARG A 218 12.96 19.04 26.96
CA ARG A 218 11.77 19.90 27.10
CA ARG A 218 11.71 19.80 27.16
C ARG A 218 10.77 19.63 25.98
N VAL A 219 9.48 19.44 26.30
CA VAL A 219 8.51 19.42 25.22
C VAL A 219 7.52 20.59 25.33
N GLU A 220 7.03 21.05 24.18
CA GLU A 220 6.02 22.11 24.18
C GLU A 220 4.70 21.43 24.57
N ASP A 221 3.98 22.03 25.51
CA ASP A 221 2.71 21.47 25.94
C ASP A 221 1.55 21.78 24.95
N THR A 222 1.77 21.58 23.64
CA THR A 222 0.68 21.75 22.64
C THR A 222 0.71 20.58 21.66
N LEU A 223 -0.46 19.94 21.45
CA LEU A 223 -0.62 18.85 20.49
C LEU A 223 -0.49 19.34 19.04
N ASN A 224 0.20 18.53 18.25
CA ASN A 224 0.25 18.67 16.80
C ASN A 224 -1.15 18.46 16.22
N ILE A 225 -1.90 17.48 16.79
CA ILE A 225 -3.25 17.09 16.32
C ILE A 225 -4.18 17.64 17.43
N LYS A 226 -4.70 18.85 17.24
CA LYS A 226 -5.37 19.56 18.32
C LYS A 226 -6.51 18.81 18.97
N ASN A 227 -7.24 18.00 18.21
CA ASN A 227 -8.47 17.35 18.76
C ASN A 227 -8.27 15.94 19.35
N MET A 228 -7.00 15.49 19.43
CA MET A 228 -6.68 14.21 20.02
CA MET A 228 -6.62 14.23 20.10
C MET A 228 -7.23 14.13 21.47
N ARG A 229 -8.08 13.14 21.72
CA ARG A 229 -8.79 13.01 23.01
C ARG A 229 -8.86 11.55 23.48
N LEU A 230 -9.10 11.33 24.77
CA LEU A 230 -9.27 9.99 25.28
C LEU A 230 -10.34 9.27 24.47
N MET A 231 -10.06 8.01 24.16
CA MET A 231 -11.02 7.14 23.54
C MET A 231 -12.20 6.87 24.43
N LYS A 232 -13.36 6.75 23.78
CA LYS A 232 -14.68 6.53 24.43
C LYS A 232 -15.41 5.35 23.78
N LYS A 233 -16.43 4.79 24.46
CA LYS A 233 -17.10 3.58 23.88
C LYS A 233 -17.61 3.79 22.45
N LYS A 234 -18.03 5.03 22.14
CA LYS A 234 -18.56 5.35 20.81
C LYS A 234 -17.49 5.16 19.73
N ASP A 235 -16.21 5.25 20.10
CA ASP A 235 -15.09 5.15 19.13
C ASP A 235 -14.66 3.72 18.77
N VAL A 236 -15.24 2.72 19.43
CA VAL A 236 -14.77 1.34 19.20
C VAL A 236 -14.79 0.88 17.71
N GLU A 237 -15.91 1.09 17.00
CA GLU A 237 -16.02 0.72 15.61
C GLU A 237 -14.97 1.45 14.76
N GLY A 238 -14.79 2.75 14.96
CA GLY A 238 -13.76 3.56 14.28
C GLY A 238 -12.33 3.10 14.52
N VAL A 239 -11.99 2.79 15.76
CA VAL A 239 -10.67 2.31 16.08
C VAL A 239 -10.49 0.95 15.42
N HIS A 240 -11.51 0.06 15.50
CA HIS A 240 -11.41 -1.25 14.91
C HIS A 240 -11.08 -1.21 13.40
N LYS A 241 -11.77 -0.36 12.65
N LYS A 241 -11.78 -0.34 12.69
CA LYS A 241 -11.42 -0.21 11.23
CA LYS A 241 -11.53 -0.06 11.28
C LYS A 241 -10.03 0.45 11.03
C LYS A 241 -10.10 0.45 11.05
N LEU A 242 -9.78 1.56 11.70
CA LEU A 242 -8.46 2.24 11.54
C LEU A 242 -7.29 1.26 11.80
N LEU A 243 -7.33 0.61 12.96
CA LEU A 243 -6.24 -0.24 13.35
C LEU A 243 -6.25 -1.51 12.54
N GLY A 244 -7.44 -2.03 12.23
CA GLY A 244 -7.51 -3.37 11.55
C GLY A 244 -6.97 -3.29 10.14
N SER A 245 -7.16 -2.15 9.49
N SER A 245 -7.16 -2.13 9.52
CA SER A 245 -6.63 -1.97 8.15
CA SER A 245 -6.72 -1.80 8.16
C SER A 245 -5.13 -1.74 8.19
C SER A 245 -5.21 -1.51 8.08
N TYR A 246 -4.70 -0.89 9.13
CA TYR A 246 -3.28 -0.57 9.32
C TYR A 246 -2.44 -1.82 9.47
N LEU A 247 -2.94 -2.74 10.30
CA LEU A 247 -2.13 -3.86 10.69
C LEU A 247 -1.90 -4.89 9.60
N GLU A 248 -2.73 -4.81 8.54
CA GLU A 248 -2.64 -5.80 7.49
C GLU A 248 -1.31 -5.83 6.73
N GLN A 249 -0.59 -4.73 6.72
CA GLN A 249 0.67 -4.69 6.03
C GLN A 249 1.75 -5.58 6.60
N PHE A 250 1.62 -6.04 7.85
CA PHE A 250 2.76 -6.63 8.58
C PHE A 250 2.77 -8.10 8.45
N ASN A 251 3.93 -8.66 8.76
CA ASN A 251 4.16 -10.11 8.69
CA ASN A 251 4.13 -10.11 8.72
C ASN A 251 3.62 -10.90 9.92
N LEU A 252 3.36 -10.17 11.00
CA LEU A 252 2.92 -10.75 12.31
C LEU A 252 2.05 -9.74 13.03
N TYR A 253 0.76 -10.09 13.31
CA TYR A 253 -0.17 -9.13 13.95
C TYR A 253 -1.37 -9.92 14.50
N ALA A 254 -2.03 -9.40 15.55
CA ALA A 254 -3.29 -9.91 16.00
C ALA A 254 -4.43 -9.41 15.10
N VAL A 255 -5.35 -10.30 14.79
CA VAL A 255 -6.59 -9.90 14.11
C VAL A 255 -7.64 -9.65 15.19
N PHE A 256 -7.86 -8.38 15.54
CA PHE A 256 -8.73 -8.03 16.66
C PHE A 256 -10.16 -8.03 16.17
N THR A 257 -11.07 -8.59 16.99
CA THR A 257 -12.50 -8.37 16.82
C THR A 257 -12.91 -7.07 17.50
N LYS A 258 -14.12 -6.58 17.25
CA LYS A 258 -14.65 -5.43 17.99
C LYS A 258 -14.60 -5.57 19.54
N GLU A 259 -14.96 -6.75 20.08
CA GLU A 259 -14.94 -6.98 21.52
C GLU A 259 -13.48 -6.85 22.02
N GLU A 260 -12.51 -7.28 21.21
CA GLU A 260 -11.09 -7.13 21.58
C GLU A 260 -10.65 -5.67 21.56
N ILE A 261 -11.10 -4.91 20.54
CA ILE A 261 -10.74 -3.53 20.48
C ILE A 261 -11.24 -2.87 21.75
N ALA A 262 -12.50 -3.10 22.10
CA ALA A 262 -13.05 -2.50 23.31
C ALA A 262 -12.22 -2.83 24.58
N HIS A 263 -11.83 -4.10 24.73
CA HIS A 263 -11.09 -4.54 25.87
C HIS A 263 -9.70 -3.91 25.82
N TRP A 264 -9.04 -3.96 24.66
CA TRP A 264 -7.63 -3.62 24.63
C TRP A 264 -7.36 -2.14 24.60
N PHE A 265 -8.34 -1.33 24.21
CA PHE A 265 -8.10 0.10 24.05
C PHE A 265 -8.89 1.05 24.92
N LEU A 266 -10.10 0.66 25.37
CA LEU A 266 -10.89 1.64 26.10
C LEU A 266 -10.05 2.02 27.36
N PRO A 267 -9.91 3.29 27.62
CA PRO A 267 -8.91 3.68 28.64
C PRO A 267 -9.20 3.20 30.03
N ILE A 268 -8.14 2.80 30.74
CA ILE A 268 -8.24 2.55 32.21
C ILE A 268 -7.08 3.26 32.90
N GLU A 269 -7.38 4.17 33.84
CA GLU A 269 -6.34 4.98 34.53
CA GLU A 269 -6.31 4.99 34.50
C GLU A 269 -5.22 4.08 35.04
N ASN A 270 -3.96 4.46 34.81
CA ASN A 270 -2.81 3.70 35.31
C ASN A 270 -2.61 2.35 34.68
N VAL A 271 -3.33 2.09 33.56
CA VAL A 271 -3.25 0.82 32.83
C VAL A 271 -3.05 0.99 31.33
N ILE A 272 -4.08 1.51 30.64
CA ILE A 272 -4.09 1.66 29.19
C ILE A 272 -4.62 3.09 28.85
N TYR A 273 -3.86 3.78 28.00
CA TYR A 273 -4.17 5.13 27.55
C TYR A 273 -4.32 5.00 26.01
N THR A 274 -5.54 5.34 25.55
CA THR A 274 -5.86 5.45 24.12
C THR A 274 -6.48 6.81 23.80
N TYR A 275 -5.95 7.43 22.75
CA TYR A 275 -6.40 8.72 22.30
C TYR A 275 -6.77 8.62 20.83
N VAL A 276 -7.78 9.38 20.42
CA VAL A 276 -8.28 9.35 19.02
C VAL A 276 -8.48 10.77 18.47
N ASN A 277 -8.33 10.92 17.17
CA ASN A 277 -8.73 12.13 16.51
C ASN A 277 -9.95 11.84 15.65
N GLU A 278 -11.07 12.47 15.97
CA GLU A 278 -12.34 12.19 15.31
C GLU A 278 -12.64 13.28 14.32
N GLU A 279 -12.79 12.90 13.07
CA GLU A 279 -13.25 13.83 12.04
C GLU A 279 -14.53 13.30 11.39
N ASN A 280 -15.63 14.07 11.52
CA ASN A 280 -16.89 13.78 10.79
CA ASN A 280 -16.90 13.78 10.80
C ASN A 280 -17.50 12.45 11.27
N GLY A 281 -17.33 12.18 12.56
CA GLY A 281 -17.75 10.91 13.17
C GLY A 281 -16.90 9.69 12.83
N LYS A 282 -15.74 9.95 12.19
CA LYS A 282 -14.75 8.93 11.79
C LYS A 282 -13.42 9.09 12.57
N ILE A 283 -12.82 7.97 12.97
CA ILE A 283 -11.55 8.01 13.72
C ILE A 283 -10.44 7.98 12.66
N LYS A 284 -9.69 9.10 12.49
CA LYS A 284 -8.61 9.26 11.50
C LYS A 284 -7.17 9.03 12.01
N ASP A 285 -7.00 9.05 13.32
CA ASP A 285 -5.67 8.93 13.98
C ASP A 285 -5.87 8.34 15.38
N MET A 286 -4.88 7.57 15.87
CA MET A 286 -4.93 7.01 17.21
C MET A 286 -3.53 6.84 17.84
N ILE A 287 -3.46 7.11 19.13
CA ILE A 287 -2.25 6.94 19.93
C ILE A 287 -2.61 6.01 21.09
N SER A 288 -1.75 5.06 21.41
CA SER A 288 -1.94 4.27 22.63
C SER A 288 -0.65 3.90 23.31
N PHE A 289 -0.71 3.84 24.62
CA PHE A 289 0.44 3.34 25.39
C PHE A 289 -0.05 2.75 26.72
N TYR A 290 0.62 1.72 27.21
CA TYR A 290 0.23 1.14 28.51
C TYR A 290 1.24 1.56 29.61
N SER A 291 0.78 1.50 30.86
CA SER A 291 1.56 1.93 31.97
C SER A 291 2.20 0.67 32.56
N LEU A 292 3.53 0.68 32.65
CA LEU A 292 4.28 -0.40 33.27
C LEU A 292 5.38 0.25 34.12
N PRO A 293 5.14 0.41 35.44
CA PRO A 293 6.19 0.97 36.29
C PRO A 293 7.28 -0.06 36.49
N SER A 294 8.51 0.40 36.67
CA SER A 294 9.51 -0.47 37.28
C SER A 294 9.84 -0.04 38.72
N GLN A 295 10.05 -1.04 39.57
CA GLN A 295 10.56 -0.78 40.87
C GLN A 295 12.05 -0.44 40.71
N ILE A 296 12.53 0.54 41.43
CA ILE A 296 13.98 0.91 41.42
C ILE A 296 14.66 0.21 42.60
N LEU A 297 15.56 -0.73 42.33
CA LEU A 297 16.13 -1.53 43.43
C LEU A 297 17.25 -0.72 44.16
N GLY A 298 17.14 -0.46 45.46
CA GLY A 298 18.26 0.22 46.21
C GLY A 298 18.72 1.63 45.75
N ASN A 299 17.77 2.49 45.41
CA ASN A 299 18.00 3.93 45.32
C ASN A 299 17.36 4.55 46.59
N ASP A 300 18.12 5.37 47.35
CA ASP A 300 17.54 5.98 48.58
C ASP A 300 16.30 6.86 48.22
N LYS A 301 16.38 7.67 47.16
CA LYS A 301 15.35 8.69 46.90
C LYS A 301 14.09 8.15 46.26
N TYR A 302 14.23 7.33 45.24
CA TYR A 302 13.04 6.92 44.45
C TYR A 302 12.85 5.40 44.50
N SER A 303 11.60 4.96 44.55
CA SER A 303 11.31 3.52 44.51
C SER A 303 10.62 3.01 43.19
N THR A 304 10.07 3.92 42.40
CA THR A 304 9.28 3.59 41.20
C THR A 304 9.71 4.45 40.04
N LEU A 305 10.02 3.82 38.92
CA LEU A 305 10.10 4.56 37.66
C LEU A 305 8.79 4.39 36.89
N ASN A 306 8.05 5.47 36.65
CA ASN A 306 6.82 5.37 35.86
CA ASN A 306 6.83 5.33 35.85
C ASN A 306 7.14 5.43 34.35
N ALA A 307 6.82 4.36 33.63
CA ALA A 307 7.19 4.20 32.23
C ALA A 307 5.92 3.93 31.36
N ALA A 308 5.77 4.68 30.26
CA ALA A 308 4.70 4.49 29.26
C ALA A 308 5.34 3.68 28.16
N TYR A 309 4.66 2.65 27.70
CA TYR A 309 5.15 1.78 26.67
C TYR A 309 4.25 1.93 25.44
N SER A 310 4.83 2.37 24.33
CA SER A 310 4.15 2.52 23.02
C SER A 310 3.45 1.23 22.64
N PHE A 311 2.17 1.39 22.25
CA PHE A 311 1.32 0.21 22.04
C PHE A 311 1.00 0.20 20.54
N TYR A 312 -0.16 0.74 20.14
CA TYR A 312 -0.45 0.87 18.71
C TYR A 312 -0.71 2.31 18.38
N ASN A 313 -0.12 2.80 17.28
CA ASN A 313 -0.19 4.23 16.86
C ASN A 313 -0.43 4.33 15.37
N VAL A 314 -1.45 5.06 14.96
CA VAL A 314 -1.80 5.09 13.51
C VAL A 314 -2.13 6.50 13.15
N THR A 315 -1.55 7.02 12.04
CA THR A 315 -1.95 8.36 11.60
C THR A 315 -2.32 8.38 10.11
N THR A 316 -3.39 9.11 9.79
CA THR A 316 -3.76 9.36 8.38
C THR A 316 -3.85 10.85 8.09
N THR A 317 -3.76 11.70 9.12
CA THR A 317 -3.82 13.18 8.93
C THR A 317 -2.55 13.95 9.29
N ALA A 318 -1.51 13.27 9.73
CA ALA A 318 -0.27 13.96 10.19
C ALA A 318 0.92 13.12 9.78
N THR A 319 2.16 13.52 10.04
CA THR A 319 3.22 12.58 9.81
C THR A 319 3.29 11.68 11.06
N PHE A 320 3.96 10.54 10.89
CA PHE A 320 4.18 9.66 12.00
C PHE A 320 5.03 10.33 13.07
N LYS A 321 6.04 11.10 12.66
CA LYS A 321 6.79 11.92 13.64
C LYS A 321 5.89 12.83 14.50
N GLN A 322 4.92 13.51 13.89
CA GLN A 322 4.04 14.40 14.65
C GLN A 322 3.14 13.60 15.61
N LEU A 323 2.70 12.42 15.16
CA LEU A 323 1.89 11.53 15.98
C LEU A 323 2.65 11.08 17.25
N MET A 324 3.90 10.67 17.07
CA MET A 324 4.66 10.14 18.17
C MET A 324 5.12 11.26 19.14
N GLN A 325 5.34 12.48 18.60
CA GLN A 325 5.62 13.61 19.40
C GLN A 325 4.43 13.91 20.28
N ASP A 326 3.20 13.84 19.72
CA ASP A 326 1.98 13.90 20.52
C ASP A 326 1.88 12.78 21.54
N ALA A 327 2.27 11.56 21.17
CA ALA A 327 2.21 10.45 22.15
C ALA A 327 3.14 10.77 23.34
N ILE A 328 4.33 11.30 23.06
CA ILE A 328 5.28 11.64 24.15
C ILE A 328 4.67 12.73 25.07
N LEU A 329 4.06 13.75 24.43
CA LEU A 329 3.37 14.79 25.15
C LEU A 329 2.27 14.25 26.03
N LEU A 330 1.48 13.35 25.49
CA LEU A 330 0.38 12.76 26.28
C LEU A 330 0.88 11.92 27.44
N ALA A 331 1.96 11.17 27.21
CA ALA A 331 2.64 10.52 28.32
C ALA A 331 3.14 11.50 29.36
N LYS A 332 3.70 12.65 28.93
CA LYS A 332 4.22 13.61 29.89
C LYS A 332 3.08 14.20 30.71
N ARG A 333 1.94 14.45 30.05
CA ARG A 333 0.77 15.07 30.74
C ARG A 333 0.18 14.15 31.74
N ASN A 334 0.49 12.86 31.58
CA ASN A 334 0.00 11.88 32.52
C ASN A 334 1.05 11.42 33.54
N ASN A 335 2.13 12.18 33.74
N ASN A 335 2.11 12.22 33.65
CA ASN A 335 3.08 11.94 34.87
CA ASN A 335 3.11 12.10 34.70
C ASN A 335 4.09 10.84 34.63
C ASN A 335 3.91 10.78 34.63
N PHE A 336 4.21 10.36 33.39
CA PHE A 336 5.22 9.34 33.08
C PHE A 336 6.63 9.92 33.05
N ASP A 337 7.60 9.08 33.43
CA ASP A 337 9.00 9.51 33.55
C ASP A 337 9.80 9.34 32.26
N VAL A 338 9.35 8.43 31.40
CA VAL A 338 10.08 7.95 30.22
C VAL A 338 9.03 7.28 29.31
N PHE A 339 9.27 7.31 28.00
CA PHE A 339 8.42 6.64 27.02
C PHE A 339 9.30 5.65 26.28
N ASN A 340 8.89 4.36 26.32
CA ASN A 340 9.65 3.22 25.75
C ASN A 340 8.98 2.74 24.48
N ALA A 341 9.77 2.48 23.43
CA ALA A 341 9.21 1.93 22.22
C ALA A 341 10.19 0.86 21.69
N LEU A 342 9.68 -0.16 20.99
CA LEU A 342 10.44 -1.11 20.24
C LEU A 342 10.54 -0.67 18.77
N GLU A 343 11.55 -1.13 18.05
CA GLU A 343 11.74 -0.88 16.61
C GLU A 343 10.85 -1.81 15.77
N VAL A 344 9.60 -1.91 16.19
CA VAL A 344 8.57 -2.52 15.40
C VAL A 344 7.76 -1.53 14.59
N MET A 345 6.96 -2.04 13.62
CA MET A 345 6.08 -1.23 12.74
C MET A 345 6.92 -0.07 12.11
N GLN A 346 6.44 1.15 12.22
CA GLN A 346 7.20 2.33 11.70
C GLN A 346 8.04 3.05 12.72
N ASN A 347 8.25 2.48 13.92
CA ASN A 347 8.74 3.22 15.08
C ASN A 347 10.14 3.75 14.90
N LYS A 348 10.98 2.92 14.31
CA LYS A 348 12.43 3.24 14.22
C LYS A 348 12.69 4.54 13.49
N SER A 349 11.86 4.81 12.49
CA SER A 349 11.98 6.00 11.68
C SER A 349 11.87 7.29 12.48
N VAL A 350 11.28 7.28 13.69
CA VAL A 350 11.16 8.57 14.43
C VAL A 350 12.17 8.69 15.58
N PHE A 351 12.91 7.64 15.86
CA PHE A 351 13.67 7.59 17.13
C PHE A 351 14.75 8.64 17.22
N GLU A 352 15.44 8.84 16.12
CA GLU A 352 16.50 9.90 16.08
C GLU A 352 15.96 11.32 16.28
N ASP A 353 14.96 11.71 15.47
CA ASP A 353 14.48 13.08 15.52
C ASP A 353 13.75 13.40 16.83
N LEU A 354 13.09 12.39 17.39
CA LEU A 354 12.36 12.60 18.65
C LEU A 354 13.16 12.36 19.93
N LYS A 355 14.48 12.24 19.75
CA LYS A 355 15.46 12.16 20.84
CA LYS A 355 15.41 12.20 20.88
C LYS A 355 15.34 10.88 21.69
N PHE A 356 15.05 9.74 21.05
CA PHE A 356 15.06 8.46 21.76
C PHE A 356 16.52 8.04 21.86
N GLY A 357 16.88 7.35 22.93
CA GLY A 357 18.24 6.76 23.03
C GLY A 357 18.11 5.26 22.86
N GLU A 358 19.02 4.64 22.10
CA GLU A 358 19.03 3.19 22.01
C GLU A 358 19.29 2.53 23.39
N GLY A 359 18.52 1.47 23.72
CA GLY A 359 18.71 0.79 25.02
C GLY A 359 19.82 -0.29 24.93
N ASP A 360 19.88 -1.12 25.96
CA ASP A 360 20.94 -2.09 26.03
C ASP A 360 20.57 -3.47 25.56
N GLY A 361 19.37 -3.67 25.01
CA GLY A 361 19.01 -5.04 24.64
C GLY A 361 17.86 -5.09 23.66
N SER A 362 17.33 -6.30 23.54
CA SER A 362 16.27 -6.49 22.59
C SER A 362 15.17 -7.40 23.13
N LEU A 363 13.94 -7.28 22.56
CA LEU A 363 12.88 -8.26 22.79
C LEU A 363 12.73 -9.15 21.58
N LYS A 364 12.80 -10.46 21.82
CA LYS A 364 12.72 -11.48 20.81
C LYS A 364 11.25 -11.96 20.73
N TYR A 365 10.76 -12.14 19.50
CA TYR A 365 9.40 -12.68 19.24
C TYR A 365 9.47 -14.16 18.87
N TYR A 366 8.65 -15.00 19.53
CA TYR A 366 8.72 -16.42 19.27
C TYR A 366 7.39 -17.03 18.87
N LEU A 367 7.42 -18.10 18.09
CA LEU A 367 6.18 -18.89 17.84
C LEU A 367 6.44 -20.29 18.26
N TYR A 368 5.41 -20.93 18.81
CA TYR A 368 5.52 -22.34 19.19
C TYR A 368 4.83 -23.19 18.16
N ASN A 369 5.48 -24.28 17.76
CA ASN A 369 4.94 -25.19 16.76
C ASN A 369 4.59 -24.50 15.43
N TRP A 370 5.50 -23.63 14.96
CA TRP A 370 5.27 -22.92 13.68
C TRP A 370 6.62 -22.66 12.97
N LYS A 371 6.69 -23.12 11.74
CA LYS A 371 7.84 -22.99 10.87
C LYS A 371 7.62 -21.85 9.79
N CYS A 372 8.55 -20.90 9.70
CA CYS A 372 8.44 -19.76 8.80
C CYS A 372 9.76 -19.00 8.79
N ALA A 373 9.91 -18.13 7.79
CA ALA A 373 11.09 -17.32 7.61
C ALA A 373 11.02 -16.26 8.70
N SER A 374 12.17 -15.91 9.24
CA SER A 374 12.28 -14.79 10.20
C SER A 374 12.30 -13.51 9.40
N PHE A 375 12.14 -12.37 10.07
CA PHE A 375 12.05 -11.11 9.40
C PHE A 375 12.51 -10.02 10.32
N ALA A 376 12.87 -8.86 9.73
CA ALA A 376 13.29 -7.60 10.39
C ALA A 376 12.11 -7.09 11.23
N PRO A 377 12.39 -6.49 12.42
CA PRO A 377 11.30 -5.95 13.32
C PRO A 377 10.37 -4.91 12.72
N ALA A 378 10.77 -4.27 11.63
CA ALA A 378 9.88 -3.36 10.96
C ALA A 378 8.60 -4.07 10.42
N HIS A 379 8.71 -5.36 10.13
CA HIS A 379 7.59 -6.20 9.72
C HIS A 379 6.76 -6.82 10.86
N VAL A 380 7.12 -6.58 12.11
CA VAL A 380 6.38 -7.08 13.29
C VAL A 380 5.31 -5.99 13.56
N GLY A 381 4.04 -6.41 13.62
CA GLY A 381 2.94 -5.50 13.93
C GLY A 381 2.14 -5.98 15.12
N ILE A 382 2.82 -6.53 16.10
CA ILE A 382 2.14 -6.88 17.36
C ILE A 382 3.02 -6.47 18.55
N VAL A 383 2.39 -6.03 19.64
CA VAL A 383 3.09 -5.63 20.86
C VAL A 383 2.43 -6.42 21.99
N LEU A 384 3.23 -7.25 22.65
CA LEU A 384 2.75 -8.00 23.82
C LEU A 384 3.14 -7.35 25.13
N LEU A 385 2.32 -7.53 26.16
CA LEU A 385 2.50 -6.84 27.42
C LEU A 385 3.71 -7.26 28.24
N ILE B 1 25.07 26.49 6.25
CA ILE B 1 24.59 25.95 4.94
C ILE B 1 23.22 26.62 4.52
N ASP B 2 23.29 27.47 3.48
CA ASP B 2 22.26 28.44 3.05
C ASP B 2 21.46 27.99 1.82
N TYR B 3 22.01 27.08 1.01
CA TYR B 3 21.34 26.57 -0.18
C TYR B 3 20.80 27.69 -1.09
N LYS B 4 21.66 28.67 -1.41
CA LYS B 4 21.22 29.83 -2.23
C LYS B 4 20.74 29.38 -3.59
N PHE B 5 21.39 28.36 -4.19
CA PHE B 5 20.89 27.89 -5.48
C PHE B 5 19.69 27.00 -5.27
N TRP B 6 19.84 25.94 -4.45
CA TRP B 6 18.76 24.95 -4.28
C TRP B 6 17.42 25.51 -3.83
N TYR B 7 17.43 26.61 -3.07
CA TYR B 7 16.18 27.17 -2.60
CA TYR B 7 16.24 27.28 -2.58
C TYR B 7 15.40 27.90 -3.73
N THR B 8 16.06 28.23 -4.85
CA THR B 8 15.36 28.75 -6.02
C THR B 8 14.63 27.66 -6.82
N GLN B 9 14.90 26.39 -6.48
CA GLN B 9 14.46 25.21 -7.25
C GLN B 9 13.20 24.53 -6.70
N PRO B 10 12.42 23.83 -7.55
CA PRO B 10 11.20 23.16 -6.99
C PRO B 10 11.59 21.90 -6.27
N VAL B 11 12.16 22.07 -5.06
CA VAL B 11 12.53 20.93 -4.22
C VAL B 11 12.10 21.33 -2.80
N PRO B 12 12.07 20.37 -1.87
CA PRO B 12 11.64 20.76 -0.50
C PRO B 12 12.66 21.69 0.19
N LYS B 13 12.17 22.56 1.07
CA LYS B 13 13.03 23.28 2.01
CA LYS B 13 13.05 23.28 1.99
C LYS B 13 13.56 22.28 3.04
N ILE B 14 14.72 22.57 3.65
CA ILE B 14 15.32 21.71 4.67
C ILE B 14 14.33 21.30 5.80
N ASN B 15 13.39 22.18 6.12
CA ASN B 15 12.40 21.94 7.18
C ASN B 15 11.09 21.21 6.78
N ASP B 16 10.94 20.93 5.49
CA ASP B 16 9.71 20.30 4.96
C ASP B 16 9.58 18.82 5.28
N GLU B 17 8.37 18.48 5.70
CA GLU B 17 7.93 17.09 5.86
C GLU B 17 6.49 17.03 5.47
N PHE B 18 6.18 16.03 4.69
CA PHE B 18 4.82 15.92 4.13
C PHE B 18 4.17 14.64 4.60
N ASN B 19 2.84 14.64 4.72
CA ASN B 19 2.06 13.42 5.03
CA ASN B 19 2.35 13.33 5.11
C ASN B 19 2.11 12.36 3.93
N GLU B 20 1.84 11.12 4.28
CA GLU B 20 1.82 10.10 3.27
C GLU B 20 0.82 10.27 2.12
N SER B 21 -0.22 11.06 2.31
CA SER B 21 -1.18 11.36 1.27
C SER B 21 -0.68 12.35 0.22
N VAL B 22 0.48 12.95 0.43
CA VAL B 22 0.92 14.02 -0.49
C VAL B 22 1.86 13.35 -1.44
N ASN B 23 1.57 13.40 -2.76
CA ASN B 23 2.42 12.70 -3.74
C ASN B 23 2.15 13.43 -5.07
N GLU B 24 2.88 14.50 -5.33
CA GLU B 24 2.53 15.42 -6.47
C GLU B 24 3.69 16.36 -6.84
N PRO B 25 3.63 17.00 -8.03
CA PRO B 25 4.76 17.94 -8.23
C PRO B 25 4.71 19.14 -7.29
N PHE B 26 5.85 19.85 -7.16
CA PHE B 26 5.81 21.20 -6.67
C PHE B 26 5.16 22.16 -7.65
N ILE B 27 5.51 22.02 -8.92
CA ILE B 27 4.98 22.86 -10.00
C ILE B 27 4.40 21.94 -11.08
N SER B 28 3.08 22.08 -11.28
CA SER B 28 2.27 21.43 -12.33
C SER B 28 1.98 22.35 -13.51
N ASP B 29 1.37 21.82 -14.56
CA ASP B 29 0.99 22.61 -15.74
CA ASP B 29 0.98 22.64 -15.73
C ASP B 29 2.20 23.34 -16.37
N ASN B 30 3.31 22.61 -16.48
CA ASN B 30 4.51 23.07 -17.18
C ASN B 30 4.30 22.97 -18.72
N LYS B 31 4.96 23.85 -19.48
CA LYS B 31 4.72 24.06 -20.90
C LYS B 31 6.04 24.05 -21.64
N VAL B 32 6.29 22.99 -22.44
CA VAL B 32 7.43 22.98 -23.41
C VAL B 32 7.56 24.33 -24.16
N GLU B 33 6.42 24.89 -24.59
CA GLU B 33 6.46 26.17 -25.36
C GLU B 33 7.19 27.29 -24.58
N ASP B 34 7.16 27.23 -23.23
CA ASP B 34 7.66 28.33 -22.39
C ASP B 34 9.12 28.15 -21.94
N VAL B 35 9.66 26.97 -22.16
CA VAL B 35 11.03 26.67 -21.72
C VAL B 35 12.00 27.56 -22.45
N ARG B 36 13.08 27.91 -21.77
CA ARG B 36 14.08 28.79 -22.37
C ARG B 36 14.69 28.01 -23.54
N LYS B 37 14.80 28.70 -24.67
CA LYS B 37 15.37 28.09 -25.87
C LYS B 37 16.86 28.42 -26.06
N ASP B 38 17.36 29.38 -25.28
CA ASP B 38 18.80 29.70 -25.22
C ASP B 38 19.61 28.87 -24.21
N GLU B 39 20.82 28.46 -24.55
CA GLU B 39 21.72 27.79 -23.53
C GLU B 39 22.08 28.73 -22.42
N TYR B 40 22.22 28.24 -21.18
CA TYR B 40 22.70 29.07 -20.11
C TYR B 40 24.10 29.64 -20.39
N LYS B 41 24.36 30.87 -19.93
CA LYS B 41 25.67 31.54 -20.14
CA LYS B 41 25.66 31.55 -20.12
C LYS B 41 26.73 30.88 -19.27
N LEU B 42 27.95 30.77 -19.80
CA LEU B 42 29.10 30.25 -19.10
C LEU B 42 30.08 31.40 -18.90
N PRO B 43 30.99 31.29 -17.89
CA PRO B 43 32.03 32.33 -17.76
C PRO B 43 32.84 32.49 -19.07
N PRO B 44 33.49 33.67 -19.26
CA PRO B 44 34.31 33.86 -20.50
C PRO B 44 35.35 32.75 -20.72
N GLY B 45 35.51 32.28 -21.95
CA GLY B 45 36.51 31.27 -22.33
C GLY B 45 36.07 29.79 -22.10
N TYR B 46 34.80 29.60 -21.69
CA TYR B 46 34.20 28.22 -21.57
C TYR B 46 33.05 28.05 -22.54
N SER B 47 32.87 26.85 -23.08
CA SER B 47 31.74 26.60 -24.00
CA SER B 47 31.73 26.63 -23.97
C SER B 47 31.14 25.26 -23.70
N TRP B 48 29.87 25.12 -24.05
CA TRP B 48 29.19 23.87 -23.97
C TRP B 48 29.73 23.00 -25.10
N TYR B 49 29.72 21.70 -24.84
CA TYR B 49 30.23 20.72 -25.78
C TYR B 49 29.23 19.55 -25.87
N VAL B 50 28.88 19.21 -27.09
CA VAL B 50 28.02 18.06 -27.39
C VAL B 50 28.91 16.80 -27.26
N CYS B 51 28.82 16.07 -26.16
CA CYS B 51 29.62 14.83 -26.01
C CYS B 51 28.91 13.72 -26.78
N ASP B 52 29.60 13.06 -27.71
CA ASP B 52 29.00 11.89 -28.31
C ASP B 52 29.60 10.64 -27.63
N VAL B 53 28.85 10.02 -26.70
CA VAL B 53 29.45 8.97 -25.90
C VAL B 53 29.85 7.75 -26.73
N LYS B 54 29.20 7.59 -27.88
CA LYS B 54 29.56 6.56 -28.87
C LYS B 54 30.90 6.79 -29.55
N ASP B 55 31.44 8.00 -29.46
CA ASP B 55 32.70 8.36 -30.12
C ASP B 55 33.86 8.11 -29.14
N GLU B 56 34.82 7.23 -29.50
CA GLU B 56 35.95 6.93 -28.62
C GLU B 56 36.67 8.18 -28.12
N LYS B 57 37.02 9.09 -29.02
CA LYS B 57 37.62 10.35 -28.59
C LYS B 57 36.80 11.11 -27.47
N ASP B 58 35.52 11.37 -27.71
CA ASP B 58 34.69 12.05 -26.73
C ASP B 58 34.60 11.26 -25.47
N ARG B 59 34.46 9.95 -25.60
CA ARG B 59 34.30 9.11 -24.42
C ARG B 59 35.57 9.09 -23.59
N SER B 60 36.71 9.01 -24.25
CA SER B 60 37.98 9.03 -23.53
C SER B 60 38.19 10.35 -22.78
N GLU B 61 37.67 11.46 -23.31
CA GLU B 61 37.69 12.79 -22.66
CA GLU B 61 37.80 12.71 -22.58
C GLU B 61 36.86 12.75 -21.36
N ILE B 62 35.65 12.18 -21.48
CA ILE B 62 34.81 12.01 -20.29
C ILE B 62 35.51 11.11 -19.31
N TYR B 63 36.06 9.99 -19.79
CA TYR B 63 36.77 9.06 -18.94
C TYR B 63 37.89 9.82 -18.20
N THR B 64 38.67 10.65 -18.88
CA THR B 64 39.79 11.36 -18.21
C THR B 64 39.31 12.34 -17.14
N LEU B 65 38.24 13.08 -17.49
CA LEU B 65 37.68 14.01 -16.57
C LEU B 65 37.29 13.34 -15.25
N LEU B 66 36.56 12.24 -15.37
CA LEU B 66 36.04 11.57 -14.17
C LEU B 66 37.16 10.88 -13.39
N THR B 67 38.06 10.20 -14.11
CA THR B 67 39.19 9.49 -13.48
C THR B 67 39.98 10.42 -12.59
N ASP B 68 40.22 11.66 -13.04
CA ASP B 68 41.02 12.59 -12.24
C ASP B 68 40.24 13.46 -11.26
N ASN B 69 38.91 13.61 -11.46
CA ASN B 69 38.16 14.64 -10.72
C ASN B 69 36.81 14.22 -10.14
N TYR B 70 36.45 12.92 -10.22
CA TYR B 70 35.10 12.53 -9.70
C TYR B 70 35.17 12.21 -8.18
N VAL B 71 34.15 11.54 -7.64
CA VAL B 71 33.91 11.35 -6.22
C VAL B 71 35.07 10.61 -5.53
N GLU B 72 35.54 11.22 -4.46
CA GLU B 72 36.44 10.61 -3.47
C GLU B 72 35.69 10.31 -2.19
N ASP B 73 36.15 9.32 -1.43
CA ASP B 73 35.63 9.04 -0.09
C ASP B 73 36.10 10.15 0.82
N ASP B 74 35.49 10.30 1.99
CA ASP B 74 35.81 11.45 2.89
C ASP B 74 37.26 11.48 3.39
N ASP B 75 37.93 10.34 3.40
CA ASP B 75 39.34 10.28 3.84
C ASP B 75 40.35 10.44 2.72
N ASN B 76 39.86 10.54 1.47
CA ASN B 76 40.73 10.71 0.28
C ASN B 76 41.67 9.49 0.09
N ILE B 77 41.19 8.30 0.43
CA ILE B 77 41.94 7.10 0.06
C ILE B 77 41.62 6.64 -1.37
N PHE B 78 40.37 6.89 -1.78
CA PHE B 78 39.83 6.38 -3.03
C PHE B 78 39.25 7.47 -3.91
N ARG B 79 39.36 7.26 -5.23
CA ARG B 79 38.52 7.97 -6.21
C ARG B 79 37.87 7.01 -7.17
N PHE B 80 36.55 7.17 -7.39
CA PHE B 80 35.87 6.28 -8.32
C PHE B 80 36.56 6.32 -9.68
N ASN B 81 36.66 5.17 -10.31
CA ASN B 81 37.33 5.04 -11.63
C ASN B 81 36.48 4.22 -12.58
N TYR B 82 35.31 4.76 -12.92
CA TYR B 82 34.37 4.13 -13.86
C TYR B 82 35.10 3.90 -15.19
N SER B 83 34.96 2.71 -15.75
CA SER B 83 35.66 2.39 -17.02
C SER B 83 35.00 3.10 -18.22
N ALA B 84 35.76 3.28 -19.28
CA ALA B 84 35.19 3.89 -20.48
C ALA B 84 33.98 3.05 -20.97
N GLU B 85 34.18 1.73 -20.90
CA GLU B 85 33.12 0.79 -21.32
C GLU B 85 31.85 0.89 -20.39
N PHE B 86 32.06 1.09 -19.10
CA PHE B 86 30.98 1.28 -18.13
C PHE B 86 30.21 2.57 -18.50
N LEU B 87 30.96 3.64 -18.77
CA LEU B 87 30.29 4.91 -19.18
C LEU B 87 29.45 4.74 -20.44
N LEU B 88 29.98 4.06 -21.46
CA LEU B 88 29.20 3.73 -22.63
C LEU B 88 27.87 3.07 -22.21
N TRP B 89 27.94 2.02 -21.39
CA TRP B 89 26.72 1.36 -20.98
C TRP B 89 25.69 2.19 -20.19
N ALA B 90 26.21 2.94 -19.22
CA ALA B 90 25.41 3.73 -18.33
C ALA B 90 24.67 4.84 -19.08
N LEU B 91 25.21 5.26 -20.23
CA LEU B 91 24.72 6.52 -20.84
C LEU B 91 23.97 6.23 -22.14
N THR B 92 23.99 4.97 -22.63
CA THR B 92 23.28 4.65 -23.87
C THR B 92 22.13 3.66 -23.78
N SER B 93 21.43 3.69 -22.63
CA SER B 93 20.22 2.93 -22.41
C SER B 93 19.08 3.32 -23.35
N PRO B 94 18.03 2.51 -23.39
CA PRO B 94 16.99 2.74 -24.42
C PRO B 94 16.39 4.12 -24.43
N ASN B 95 16.28 4.66 -25.63
CA ASN B 95 15.65 5.94 -25.85
C ASN B 95 16.46 7.10 -25.23
N TYR B 96 17.76 6.93 -25.01
CA TYR B 96 18.59 7.99 -24.47
C TYR B 96 18.63 9.18 -25.44
N LEU B 97 18.89 10.33 -24.89
CA LEU B 97 19.05 11.57 -25.63
C LEU B 97 20.50 12.00 -25.62
N LYS B 98 21.04 12.17 -26.83
CA LYS B 98 22.42 12.66 -26.98
CA LYS B 98 22.36 12.66 -27.08
C LYS B 98 22.54 14.07 -26.44
N THR B 99 21.45 14.86 -26.47
CA THR B 99 21.41 16.25 -25.93
C THR B 99 21.61 16.26 -24.40
N TRP B 100 21.44 15.10 -23.74
CA TRP B 100 21.50 15.02 -22.25
C TRP B 100 22.86 14.60 -21.74
N HIS B 101 23.87 14.60 -22.64
CA HIS B 101 25.25 14.21 -22.26
C HIS B 101 26.03 15.49 -22.49
N ILE B 102 26.25 16.25 -21.41
CA ILE B 102 26.63 17.67 -21.56
C ILE B 102 28.06 17.91 -21.07
N GLY B 103 28.96 18.42 -21.95
CA GLY B 103 30.30 18.71 -21.48
C GLY B 103 30.51 20.22 -21.44
N VAL B 104 31.52 20.64 -20.68
CA VAL B 104 31.99 22.05 -20.74
C VAL B 104 33.47 22.02 -21.02
N LYS B 105 33.87 22.78 -22.06
CA LYS B 105 35.30 22.95 -22.44
C LYS B 105 35.89 24.30 -22.09
N TYR B 106 37.19 24.34 -21.78
CA TYR B 106 37.94 25.61 -21.68
C TYR B 106 38.55 25.72 -23.07
N ASP B 107 38.12 26.73 -23.81
CA ASP B 107 38.40 26.88 -25.22
C ASP B 107 39.90 27.02 -25.55
N ALA B 108 40.67 27.68 -24.68
CA ALA B 108 42.08 27.97 -24.95
C ALA B 108 42.79 26.66 -25.16
N SER B 109 42.57 25.67 -24.27
CA SER B 109 43.23 24.33 -24.26
C SER B 109 42.45 23.20 -24.91
N ASN B 110 41.21 23.48 -25.31
CA ASN B 110 40.27 22.45 -25.79
C ASN B 110 40.12 21.17 -24.89
N LYS B 111 40.30 21.37 -23.59
CA LYS B 111 40.12 20.35 -22.55
C LYS B 111 38.71 20.33 -21.92
N LEU B 112 38.21 19.13 -21.65
CA LEU B 112 36.94 19.02 -20.95
C LEU B 112 37.11 19.26 -19.45
N ILE B 113 36.37 20.23 -18.90
CA ILE B 113 36.48 20.61 -17.49
C ILE B 113 35.19 20.39 -16.67
N GLY B 114 34.11 20.07 -17.35
CA GLY B 114 32.85 19.87 -16.63
C GLY B 114 32.01 18.83 -17.43
N PHE B 115 31.12 18.15 -16.74
CA PHE B 115 30.23 17.21 -17.38
C PHE B 115 29.00 17.05 -16.50
N ILE B 116 27.88 16.80 -17.16
CA ILE B 116 26.66 16.30 -16.45
C ILE B 116 25.87 15.44 -17.44
N SER B 117 25.10 14.45 -16.95
CA SER B 117 24.32 13.62 -17.86
C SER B 117 23.01 13.25 -17.27
N ALA B 118 22.09 12.87 -18.15
CA ALA B 118 20.83 12.21 -17.71
C ALA B 118 20.44 11.13 -18.70
N ILE B 119 19.62 10.17 -18.24
CA ILE B 119 18.93 9.25 -19.13
C ILE B 119 17.44 9.19 -18.71
N PRO B 120 16.52 8.84 -19.63
CA PRO B 120 15.10 8.77 -19.29
C PRO B 120 14.66 7.41 -18.78
N THR B 121 13.74 7.40 -17.83
CA THR B 121 13.10 6.13 -17.42
C THR B 121 11.82 6.44 -16.64
N ASP B 122 10.98 5.43 -16.55
CA ASP B 122 9.76 5.48 -15.78
CA ASP B 122 9.75 5.48 -15.78
C ASP B 122 10.07 5.18 -14.32
N ILE B 123 9.68 6.10 -13.42
CA ILE B 123 9.91 5.95 -11.98
C ILE B 123 8.55 5.91 -11.31
N CYS B 124 8.34 4.87 -10.49
CA CYS B 124 7.16 4.77 -9.67
C CYS B 124 7.50 5.28 -8.22
N ILE B 125 6.89 6.42 -7.81
CA ILE B 125 7.03 6.97 -6.48
C ILE B 125 5.67 6.94 -5.76
N HIS B 126 5.61 6.13 -4.69
CA HIS B 126 4.40 5.93 -3.86
C HIS B 126 3.24 5.56 -4.79
N LYS B 127 3.51 4.59 -5.68
CA LYS B 127 2.54 3.98 -6.61
C LYS B 127 2.06 4.91 -7.74
N ARG B 128 2.67 6.08 -7.98
CA ARG B 128 2.36 6.84 -9.23
C ARG B 128 3.58 6.74 -10.15
N THR B 129 3.36 6.40 -11.42
CA THR B 129 4.49 6.25 -12.38
C THR B 129 4.63 7.55 -13.16
N ILE B 130 5.84 8.09 -13.17
CA ILE B 130 6.14 9.39 -13.78
C ILE B 130 7.36 9.23 -14.67
N LYS B 131 7.34 9.84 -15.88
CA LYS B 131 8.55 9.74 -16.71
CA LYS B 131 8.53 9.76 -16.74
C LYS B 131 9.57 10.71 -16.14
N MET B 132 10.76 10.19 -15.79
CA MET B 132 11.77 11.03 -15.11
C MET B 132 13.09 11.06 -15.88
N ALA B 133 13.94 12.07 -15.64
CA ALA B 133 15.35 11.98 -16.03
C ALA B 133 16.14 11.46 -14.82
N GLU B 134 17.08 10.52 -15.04
CA GLU B 134 17.97 10.04 -14.01
CA GLU B 134 17.99 10.00 -14.02
C GLU B 134 19.32 10.74 -14.25
N VAL B 135 19.66 11.62 -13.34
CA VAL B 135 20.85 12.50 -13.49
C VAL B 135 22.05 11.91 -12.78
N ASN B 136 23.21 11.90 -13.48
CA ASN B 136 24.42 11.29 -12.91
C ASN B 136 25.66 11.89 -13.53
N PHE B 137 26.81 11.56 -12.96
CA PHE B 137 28.15 11.99 -13.41
C PHE B 137 28.41 13.47 -13.50
N LEU B 138 27.70 14.28 -12.71
CA LEU B 138 28.06 15.69 -12.50
C LEU B 138 29.51 15.79 -12.02
N CYS B 139 30.36 16.59 -12.70
CA CYS B 139 31.75 16.66 -12.33
C CYS B 139 32.32 17.99 -12.84
N VAL B 140 33.06 18.67 -11.95
CA VAL B 140 33.77 19.90 -12.34
C VAL B 140 35.22 19.65 -12.00
N HIS B 141 36.14 19.94 -12.94
CA HIS B 141 37.58 19.85 -12.68
C HIS B 141 38.01 20.41 -11.31
N LYS B 142 38.93 19.73 -10.64
CA LYS B 142 39.33 20.10 -9.27
C LYS B 142 39.89 21.54 -9.25
N THR B 143 40.54 21.96 -10.34
CA THR B 143 41.06 23.37 -10.40
C THR B 143 40.00 24.50 -10.46
N LEU B 144 38.76 24.12 -10.63
CA LEU B 144 37.67 25.09 -10.87
C LEU B 144 36.53 24.95 -9.89
N ARG B 145 36.84 24.44 -8.69
CA ARG B 145 35.83 24.20 -7.66
C ARG B 145 35.39 25.49 -6.93
N SER B 146 34.13 25.51 -6.53
CA SER B 146 33.52 26.56 -5.77
C SER B 146 33.42 27.91 -6.52
N LYS B 147 33.25 27.84 -7.86
CA LYS B 147 33.03 28.96 -8.71
C LYS B 147 31.60 29.01 -9.23
N ARG B 148 30.68 28.21 -8.66
CA ARG B 148 29.24 28.23 -9.09
C ARG B 148 29.05 27.70 -10.52
N LEU B 149 29.95 26.84 -11.00
CA LEU B 149 29.76 26.16 -12.30
C LEU B 149 28.70 25.05 -12.22
N ALA B 150 28.56 24.42 -11.05
CA ALA B 150 27.64 23.27 -10.91
C ALA B 150 26.18 23.70 -11.10
N PRO B 151 25.74 24.82 -10.50
CA PRO B 151 24.36 25.26 -10.80
C PRO B 151 24.13 25.60 -12.26
N VAL B 152 25.19 25.96 -13.02
CA VAL B 152 24.97 26.30 -14.46
C VAL B 152 24.70 24.98 -15.21
N LEU B 153 25.52 23.96 -14.90
CA LEU B 153 25.34 22.61 -15.45
C LEU B 153 23.95 22.04 -15.12
N ILE B 154 23.48 22.26 -13.88
CA ILE B 154 22.18 21.72 -13.46
C ILE B 154 21.05 22.48 -14.19
N LYS B 155 21.16 23.79 -14.35
CA LYS B 155 20.07 24.52 -15.02
C LYS B 155 20.04 24.20 -16.51
N GLU B 156 21.20 23.94 -17.07
CA GLU B 156 21.27 23.64 -18.48
C GLU B 156 20.70 22.25 -18.78
N ILE B 157 21.04 21.25 -17.95
CA ILE B 157 20.42 19.95 -18.15
C ILE B 157 18.93 19.97 -17.83
N THR B 158 18.55 20.69 -16.80
CA THR B 158 17.09 20.91 -16.56
C THR B 158 16.34 21.44 -17.81
N ARG B 159 16.92 22.45 -18.44
CA ARG B 159 16.32 23.09 -19.57
C ARG B 159 16.18 22.01 -20.68
N ARG B 160 17.22 21.23 -20.92
CA ARG B 160 17.19 20.27 -22.04
C ARG B 160 16.20 19.10 -21.77
N ILE B 161 16.08 18.73 -20.52
CA ILE B 161 15.15 17.65 -20.14
C ILE B 161 13.73 18.20 -20.29
N ASN B 162 13.52 19.47 -19.87
CA ASN B 162 12.15 20.06 -20.02
C ASN B 162 11.71 20.17 -21.50
N LEU B 163 12.66 20.37 -22.42
CA LEU B 163 12.39 20.38 -23.87
C LEU B 163 11.83 19.04 -24.41
N GLU B 164 11.90 17.99 -23.56
CA GLU B 164 11.31 16.70 -23.86
C GLU B 164 10.02 16.46 -23.07
N ASN B 165 9.46 17.53 -22.49
CA ASN B 165 8.24 17.45 -21.73
C ASN B 165 8.38 16.51 -20.51
N ILE B 166 9.56 16.54 -19.90
CA ILE B 166 9.83 15.79 -18.66
C ILE B 166 10.16 16.82 -17.60
N TRP B 167 9.49 16.69 -16.45
CA TRP B 167 9.50 17.75 -15.45
C TRP B 167 9.94 17.30 -14.05
N GLN B 168 10.29 16.00 -13.94
CA GLN B 168 10.83 15.40 -12.73
C GLN B 168 12.15 14.67 -13.00
N ALA B 169 12.95 14.57 -11.97
CA ALA B 169 14.18 13.87 -12.04
C ALA B 169 14.46 13.12 -10.72
N ILE B 170 15.32 12.11 -10.84
CA ILE B 170 15.84 11.36 -9.67
C ILE B 170 17.34 11.40 -9.77
N TYR B 171 17.97 11.48 -8.61
CA TYR B 171 19.43 11.60 -8.46
C TYR B 171 19.83 11.19 -7.07
N THR B 172 21.08 10.81 -6.91
CA THR B 172 21.59 10.42 -5.62
C THR B 172 22.88 11.17 -5.40
N ALA B 173 23.23 11.40 -4.15
CA ALA B 173 24.53 12.04 -3.80
C ALA B 173 24.92 11.59 -2.41
N GLY B 174 26.23 11.66 -2.12
CA GLY B 174 26.74 11.45 -0.79
C GLY B 174 26.53 12.63 0.12
N VAL B 175 26.40 13.81 -0.47
CA VAL B 175 26.21 15.04 0.31
C VAL B 175 24.72 15.31 0.57
N TYR B 176 24.47 16.10 1.59
CA TYR B 176 23.15 16.41 2.04
C TYR B 176 22.70 17.67 1.33
N LEU B 177 21.53 17.62 0.74
CA LEU B 177 21.01 18.67 -0.10
C LEU B 177 19.55 18.72 0.19
N PRO B 178 18.88 19.84 -0.16
CA PRO B 178 17.43 19.83 0.11
C PRO B 178 16.70 18.97 -0.94
N LYS B 179 15.99 17.89 -0.56
CA LYS B 179 15.93 17.29 0.74
C LYS B 179 15.75 15.75 0.43
N PRO B 180 16.46 14.85 1.12
CA PRO B 180 16.34 13.41 0.71
C PRO B 180 14.93 12.87 0.85
N VAL B 181 14.55 12.01 -0.08
CA VAL B 181 13.30 11.18 0.08
C VAL B 181 13.66 9.95 0.84
N SER B 182 14.95 9.61 0.81
CA SER B 182 15.44 8.48 1.68
C SER B 182 16.96 8.58 1.73
N ASP B 183 17.53 7.91 2.72
CA ASP B 183 18.98 8.02 2.95
C ASP B 183 19.43 6.63 3.34
N ALA B 184 20.36 6.05 2.55
CA ALA B 184 20.77 4.62 2.78
C ALA B 184 22.26 4.52 3.08
N ARG B 185 22.60 3.97 4.24
CA ARG B 185 24.03 3.67 4.54
C ARG B 185 24.57 2.56 3.64
N TYR B 186 25.87 2.63 3.30
CA TYR B 186 26.53 1.55 2.58
C TYR B 186 27.33 0.68 3.52
N TYR B 187 27.53 -0.58 3.11
CA TYR B 187 28.21 -1.63 3.89
C TYR B 187 29.12 -2.39 2.99
N HIS B 188 30.16 -2.98 3.57
CA HIS B 188 31.28 -3.50 2.78
C HIS B 188 31.56 -4.90 3.25
N ARG B 189 31.59 -5.81 2.32
CA ARG B 189 31.95 -7.18 2.64
C ARG B 189 33.33 -7.48 2.10
N SER B 190 34.35 -7.64 2.97
CA SER B 190 35.70 -7.87 2.48
C SER B 190 35.82 -9.21 1.79
N ILE B 191 36.55 -9.22 0.70
CA ILE B 191 36.85 -10.49 -0.03
C ILE B 191 38.37 -10.69 -0.03
N ASN B 192 39.13 -9.71 -0.52
CA ASN B 192 40.60 -9.77 -0.45
C ASN B 192 41.11 -8.97 0.74
N VAL B 193 41.17 -9.68 1.87
CA VAL B 193 41.34 -9.10 3.20
C VAL B 193 42.70 -8.41 3.36
N LYS B 194 43.75 -9.09 2.90
CA LYS B 194 45.09 -8.56 3.05
CA LYS B 194 45.10 -8.56 3.05
C LYS B 194 45.27 -7.21 2.35
N LYS B 195 44.77 -7.13 1.11
CA LYS B 195 44.86 -5.92 0.29
C LYS B 195 44.15 -4.79 0.99
N LEU B 196 42.95 -5.07 1.45
CA LEU B 196 42.15 -4.06 2.17
C LEU B 196 42.85 -3.50 3.46
N ILE B 197 43.55 -4.39 4.22
CA ILE B 197 44.34 -4.01 5.40
CA ILE B 197 44.28 -3.94 5.40
C ILE B 197 45.47 -3.10 4.96
N GLU B 198 46.24 -3.58 3.98
CA GLU B 198 47.42 -2.88 3.46
C GLU B 198 47.12 -1.49 2.89
N ILE B 199 45.94 -1.29 2.33
CA ILE B 199 45.65 0.04 1.75
C ILE B 199 45.06 0.94 2.79
N GLY B 200 44.78 0.37 3.96
CA GLY B 200 44.53 1.17 5.14
C GLY B 200 43.06 1.29 5.39
N PHE B 201 42.29 0.49 4.67
CA PHE B 201 40.85 0.60 4.79
C PHE B 201 40.38 -0.20 5.99
N SER B 202 40.92 -1.39 6.18
CA SER B 202 40.37 -2.28 7.21
C SER B 202 41.24 -2.43 8.44
N SER B 203 40.64 -2.83 9.57
CA SER B 203 41.28 -2.72 10.90
C SER B 203 41.55 -3.98 11.74
N LEU B 204 42.83 -4.24 12.01
CA LEU B 204 43.21 -5.39 12.82
C LEU B 204 43.33 -5.00 14.32
N ASN B 205 43.25 -6.00 15.21
CA ASN B 205 43.20 -5.89 16.66
CA ASN B 205 43.49 -5.74 16.62
C ASN B 205 44.01 -7.01 17.26
N SER B 206 44.25 -6.95 18.57
CA SER B 206 44.78 -8.12 19.36
C SER B 206 43.92 -9.39 19.20
N ARG B 207 42.59 -9.21 19.16
CA ARG B 207 41.63 -10.32 18.85
C ARG B 207 41.69 -10.69 17.37
N LEU B 208 41.66 -9.68 16.52
CA LEU B 208 41.62 -9.90 15.06
C LEU B 208 43.00 -9.69 14.42
N THR B 209 43.84 -10.72 14.49
CA THR B 209 45.14 -10.72 13.83
C THR B 209 44.95 -10.90 12.34
N MET B 210 46.03 -10.72 11.57
CA MET B 210 45.96 -10.89 10.13
C MET B 210 45.38 -12.28 9.74
N SER B 211 45.95 -13.33 10.33
CA SER B 211 45.53 -14.70 10.00
C SER B 211 44.06 -14.92 10.38
N ARG B 212 43.61 -14.33 11.48
CA ARG B 212 42.23 -14.56 11.88
CA ARG B 212 42.23 -14.53 11.88
C ARG B 212 41.28 -13.77 10.98
N ALA B 213 41.70 -12.61 10.54
CA ALA B 213 40.79 -11.86 9.64
C ALA B 213 40.68 -12.55 8.28
N ILE B 214 41.79 -13.14 7.82
CA ILE B 214 41.79 -13.89 6.59
C ILE B 214 40.83 -15.09 6.73
N LYS B 215 40.88 -15.77 7.88
CA LYS B 215 40.01 -16.92 8.09
C LYS B 215 38.54 -16.47 8.24
N LEU B 216 38.31 -15.36 8.95
CA LEU B 216 36.92 -14.88 9.09
C LEU B 216 36.17 -14.62 7.75
N TYR B 217 36.86 -14.17 6.72
CA TYR B 217 36.24 -13.82 5.45
C TYR B 217 36.39 -14.83 4.35
N ARG B 218 37.03 -15.98 4.65
CA ARG B 218 37.10 -17.15 3.79
CA ARG B 218 37.10 -17.15 3.76
C ARG B 218 35.69 -17.49 3.29
N VAL B 219 35.54 -17.92 2.05
CA VAL B 219 34.23 -18.35 1.54
C VAL B 219 34.39 -19.74 0.90
N GLU B 220 33.41 -20.62 1.14
CA GLU B 220 33.34 -21.91 0.46
C GLU B 220 33.07 -21.64 -1.06
N ASP B 221 33.87 -22.28 -1.92
CA ASP B 221 33.70 -22.12 -3.36
C ASP B 221 32.58 -23.03 -3.94
N THR B 222 31.46 -23.12 -3.27
CA THR B 222 30.28 -23.86 -3.77
C THR B 222 29.02 -22.97 -3.61
N LEU B 223 28.24 -22.93 -4.66
CA LEU B 223 26.99 -22.16 -4.67
C LEU B 223 25.94 -22.86 -3.82
N ASN B 224 25.16 -22.09 -3.08
CA ASN B 224 23.92 -22.61 -2.46
C ASN B 224 22.88 -23.01 -3.48
N ILE B 225 22.75 -22.24 -4.57
CA ILE B 225 21.83 -22.47 -5.69
C ILE B 225 22.71 -22.94 -6.86
N LYS B 226 22.83 -24.25 -6.94
CA LYS B 226 23.85 -24.93 -7.84
C LYS B 226 23.81 -24.49 -9.31
N ASN B 227 22.63 -24.19 -9.83
CA ASN B 227 22.46 -23.89 -11.26
C ASN B 227 22.55 -22.40 -11.56
N MET B 228 22.90 -21.58 -10.57
CA MET B 228 23.06 -20.14 -10.83
CA MET B 228 23.12 -20.12 -10.81
C MET B 228 24.09 -19.94 -11.98
N ARG B 229 23.64 -19.29 -13.04
CA ARG B 229 24.46 -19.15 -14.28
C ARG B 229 24.32 -17.73 -14.93
N LEU B 230 25.29 -17.38 -15.76
CA LEU B 230 25.24 -16.07 -16.43
C LEU B 230 23.96 -15.97 -17.24
N MET B 231 23.35 -14.78 -17.19
CA MET B 231 22.12 -14.55 -17.93
C MET B 231 22.44 -14.50 -19.42
N LYS B 232 21.47 -14.93 -20.24
CA LYS B 232 21.60 -14.94 -21.68
C LYS B 232 20.35 -14.31 -22.26
N LYS B 233 20.34 -14.04 -23.54
CA LYS B 233 19.23 -13.26 -24.14
C LYS B 233 17.89 -13.96 -23.97
N LYS B 234 17.87 -15.29 -24.07
CA LYS B 234 16.57 -16.05 -23.90
C LYS B 234 15.98 -15.80 -22.48
N ASP B 235 16.81 -15.35 -21.54
CA ASP B 235 16.33 -15.16 -20.16
C ASP B 235 15.64 -13.80 -19.90
N VAL B 236 15.62 -12.92 -20.89
CA VAL B 236 15.20 -11.52 -20.65
C VAL B 236 13.73 -11.46 -20.18
N GLU B 237 12.86 -12.20 -20.85
CA GLU B 237 11.44 -12.14 -20.49
C GLU B 237 11.26 -12.63 -19.07
N GLY B 238 11.95 -13.73 -18.75
CA GLY B 238 11.86 -14.24 -17.39
C GLY B 238 12.42 -13.30 -16.30
N VAL B 239 13.55 -12.65 -16.57
CA VAL B 239 14.06 -11.60 -15.65
C VAL B 239 13.05 -10.42 -15.54
N HIS B 240 12.45 -10.04 -16.66
CA HIS B 240 11.51 -8.97 -16.63
C HIS B 240 10.33 -9.31 -15.72
N LYS B 241 9.80 -10.54 -15.86
CA LYS B 241 8.70 -10.99 -14.99
CA LYS B 241 8.69 -10.96 -14.98
C LYS B 241 9.10 -11.07 -13.52
N LEU B 242 10.25 -11.68 -13.25
CA LEU B 242 10.66 -11.86 -11.84
C LEU B 242 10.92 -10.50 -11.15
N LEU B 243 11.68 -9.65 -11.84
CA LEU B 243 12.09 -8.37 -11.25
C LEU B 243 10.93 -7.40 -11.18
N GLY B 244 10.12 -7.34 -12.26
CA GLY B 244 8.93 -6.50 -12.33
C GLY B 244 8.01 -6.73 -11.13
N SER B 245 7.68 -7.98 -10.89
CA SER B 245 6.82 -8.39 -9.75
C SER B 245 7.39 -8.04 -8.42
N TYR B 246 8.69 -8.30 -8.25
CA TYR B 246 9.41 -8.09 -6.99
C TYR B 246 9.41 -6.63 -6.61
N LEU B 247 9.66 -5.76 -7.61
CA LEU B 247 9.86 -4.33 -7.29
C LEU B 247 8.60 -3.59 -6.92
N GLU B 248 7.44 -4.14 -7.27
CA GLU B 248 6.17 -3.52 -6.96
C GLU B 248 5.94 -3.24 -5.45
N GLN B 249 6.62 -3.95 -4.56
CA GLN B 249 6.37 -3.73 -3.13
C GLN B 249 7.01 -2.42 -2.57
N PHE B 250 7.89 -1.78 -3.34
CA PHE B 250 8.69 -0.68 -2.84
C PHE B 250 8.05 0.69 -3.09
N ASN B 251 8.46 1.70 -2.31
CA ASN B 251 7.85 3.05 -2.40
C ASN B 251 8.53 3.83 -3.57
N LEU B 252 9.67 3.37 -4.07
CA LEU B 252 10.41 4.09 -5.12
C LEU B 252 11.10 3.03 -5.94
N TYR B 253 10.77 2.95 -7.22
CA TYR B 253 11.47 1.96 -8.09
C TYR B 253 11.34 2.33 -9.55
N ALA B 254 12.18 1.76 -10.41
CA ALA B 254 12.05 2.00 -11.83
C ALA B 254 11.14 0.96 -12.43
N VAL B 255 10.33 1.37 -13.40
CA VAL B 255 9.37 0.40 -14.01
C VAL B 255 10.04 -0.04 -15.29
N PHE B 256 10.82 -1.12 -15.26
CA PHE B 256 11.62 -1.44 -16.45
C PHE B 256 10.77 -2.00 -17.56
N THR B 257 11.09 -1.62 -18.81
CA THR B 257 10.48 -2.27 -19.99
C THR B 257 11.38 -3.48 -20.34
N LYS B 258 10.88 -4.34 -21.21
CA LYS B 258 11.66 -5.46 -21.77
C LYS B 258 13.05 -5.03 -22.31
N GLU B 259 13.01 -3.95 -23.09
CA GLU B 259 14.24 -3.53 -23.74
CA GLU B 259 14.18 -3.40 -23.73
C GLU B 259 15.20 -2.95 -22.69
N GLU B 260 14.69 -2.28 -21.64
CA GLU B 260 15.52 -1.87 -20.48
C GLU B 260 16.07 -3.02 -19.65
N ILE B 261 15.26 -4.07 -19.45
CA ILE B 261 15.85 -5.30 -18.90
C ILE B 261 17.05 -5.80 -19.68
N ALA B 262 16.92 -5.87 -21.01
CA ALA B 262 18.02 -6.42 -21.82
C ALA B 262 19.29 -5.53 -21.61
N HIS B 263 19.08 -4.22 -21.72
CA HIS B 263 20.19 -3.28 -21.59
C HIS B 263 20.88 -3.38 -20.24
N TRP B 264 20.09 -3.28 -19.16
CA TRP B 264 20.64 -3.13 -17.84
C TRP B 264 21.18 -4.42 -17.29
N PHE B 265 20.75 -5.57 -17.84
CA PHE B 265 21.13 -6.85 -17.13
C PHE B 265 21.96 -7.83 -17.94
N LEU B 266 21.91 -7.77 -19.27
CA LEU B 266 22.73 -8.71 -20.03
C LEU B 266 24.21 -8.50 -19.74
N PRO B 267 24.96 -9.58 -19.45
CA PRO B 267 26.33 -9.47 -18.94
C PRO B 267 27.29 -8.81 -19.93
N ILE B 268 28.09 -7.89 -19.39
CA ILE B 268 29.17 -7.28 -20.12
C ILE B 268 30.35 -7.42 -19.14
N GLU B 269 31.36 -8.19 -19.56
CA GLU B 269 32.61 -8.35 -18.83
C GLU B 269 33.13 -7.06 -18.25
N ASN B 270 33.52 -7.04 -16.98
CA ASN B 270 34.03 -5.83 -16.29
C ASN B 270 33.07 -4.64 -16.18
N VAL B 271 31.78 -4.84 -16.44
CA VAL B 271 30.79 -3.78 -16.33
C VAL B 271 29.59 -4.25 -15.48
N ILE B 272 28.87 -5.26 -16.01
CA ILE B 272 27.61 -5.74 -15.38
C ILE B 272 27.59 -7.28 -15.40
N TYR B 273 27.29 -7.87 -14.24
CA TYR B 273 27.22 -9.36 -14.07
C TYR B 273 25.81 -9.68 -13.61
N THR B 274 25.10 -10.46 -14.39
CA THR B 274 23.75 -10.93 -13.96
C THR B 274 23.73 -12.42 -14.01
N TYR B 275 23.25 -13.04 -12.94
CA TYR B 275 23.13 -14.53 -12.91
C TYR B 275 21.69 -14.97 -12.64
N VAL B 276 21.30 -16.10 -13.23
CA VAL B 276 19.90 -16.60 -13.10
C VAL B 276 19.86 -18.05 -12.68
N ASN B 277 18.79 -18.39 -12.01
CA ASN B 277 18.47 -19.81 -11.73
C ASN B 277 17.20 -20.13 -12.46
N GLU B 278 17.31 -20.99 -13.46
CA GLU B 278 16.17 -21.41 -14.26
C GLU B 278 15.75 -22.80 -13.82
N GLU B 279 14.46 -22.97 -13.51
CA GLU B 279 13.91 -24.24 -13.05
CA GLU B 279 13.86 -24.21 -12.98
C GLU B 279 12.57 -24.42 -13.78
N ASN B 280 12.44 -25.54 -14.53
CA ASN B 280 11.30 -25.84 -15.44
CA ASN B 280 11.18 -25.77 -15.29
C ASN B 280 10.84 -24.65 -16.28
N GLY B 281 11.75 -24.17 -17.11
CA GLY B 281 11.46 -23.08 -18.05
C GLY B 281 11.35 -21.65 -17.49
N LYS B 282 11.41 -21.52 -16.16
CA LYS B 282 11.08 -20.28 -15.47
CA LYS B 282 11.09 -20.27 -15.48
C LYS B 282 12.28 -19.71 -14.70
N ILE B 283 12.49 -18.40 -14.80
CA ILE B 283 13.56 -17.75 -14.04
C ILE B 283 13.05 -17.52 -12.61
N LYS B 284 13.65 -18.18 -11.63
CA LYS B 284 13.11 -18.13 -10.28
C LYS B 284 13.92 -17.31 -9.28
N ASP B 285 15.18 -17.08 -9.62
CA ASP B 285 16.13 -16.37 -8.77
C ASP B 285 17.05 -15.60 -9.68
N MET B 286 17.47 -14.45 -9.21
CA MET B 286 18.47 -13.65 -9.95
C MET B 286 19.43 -12.96 -8.98
N ILE B 287 20.70 -12.85 -9.44
CA ILE B 287 21.78 -12.11 -8.78
C ILE B 287 22.35 -11.09 -9.77
N SER B 288 22.55 -9.84 -9.36
CA SER B 288 23.26 -8.85 -10.25
C SER B 288 24.16 -7.92 -9.45
N PHE B 289 25.32 -7.63 -10.02
CA PHE B 289 26.25 -6.64 -9.40
C PHE B 289 26.98 -5.95 -10.54
N TYR B 290 27.34 -4.68 -10.34
CA TYR B 290 28.10 -3.97 -11.38
C TYR B 290 29.53 -3.76 -10.92
N SER B 291 30.45 -3.55 -11.88
CA SER B 291 31.85 -3.33 -11.57
C SER B 291 32.20 -1.83 -11.49
N LEU B 292 32.64 -1.35 -10.32
CA LEU B 292 33.07 0.04 -10.20
C LEU B 292 34.41 0.10 -9.45
N PRO B 293 35.54 0.12 -10.20
CA PRO B 293 36.78 0.17 -9.40
C PRO B 293 37.06 1.58 -8.83
N SER B 294 37.82 1.63 -7.74
CA SER B 294 38.30 2.91 -7.22
C SER B 294 39.82 2.95 -7.43
N GLN B 295 40.32 4.09 -7.89
CA GLN B 295 41.76 4.36 -7.82
C GLN B 295 42.16 4.55 -6.35
N ILE B 296 43.25 3.89 -5.96
CA ILE B 296 43.76 4.04 -4.59
C ILE B 296 44.82 5.18 -4.60
N LEU B 297 44.54 6.30 -3.96
CA LEU B 297 45.37 7.50 -4.20
C LEU B 297 46.67 7.41 -3.46
N GLY B 298 47.75 7.51 -4.24
CA GLY B 298 49.15 7.40 -3.81
C GLY B 298 49.54 6.16 -3.01
N ASN B 299 49.32 4.96 -3.57
CA ASN B 299 49.81 3.71 -2.94
C ASN B 299 50.81 3.07 -3.90
N ASP B 300 52.06 2.87 -3.44
CA ASP B 300 53.13 2.28 -4.29
C ASP B 300 52.78 0.85 -4.75
N LYS B 301 52.02 0.13 -3.93
CA LYS B 301 51.81 -1.30 -4.18
C LYS B 301 50.56 -1.57 -4.99
N TYR B 302 49.44 -0.91 -4.62
CA TYR B 302 48.16 -1.17 -5.25
C TYR B 302 47.62 0.13 -5.86
N SER B 303 47.35 0.13 -7.15
CA SER B 303 46.80 1.31 -7.80
C SER B 303 45.24 1.31 -7.85
N THR B 304 44.64 0.13 -7.75
CA THR B 304 43.16 -0.07 -8.01
C THR B 304 42.54 -1.04 -6.99
N LEU B 305 41.38 -0.69 -6.44
CA LEU B 305 40.59 -1.63 -5.64
C LEU B 305 39.41 -2.03 -6.56
N ASN B 306 39.30 -3.31 -6.87
CA ASN B 306 38.15 -3.78 -7.67
C ASN B 306 36.94 -4.09 -6.79
N ALA B 307 35.84 -3.39 -7.01
CA ALA B 307 34.68 -3.52 -6.12
C ALA B 307 33.42 -3.88 -6.91
N ALA B 308 32.70 -4.90 -6.43
CA ALA B 308 31.39 -5.28 -6.96
C ALA B 308 30.31 -4.59 -6.15
N TYR B 309 29.35 -3.94 -6.82
CA TYR B 309 28.24 -3.24 -6.20
C TYR B 309 26.96 -3.98 -6.44
N SER B 310 26.31 -4.37 -5.35
CA SER B 310 25.03 -5.03 -5.40
C SER B 310 24.01 -4.24 -6.20
N PHE B 311 23.28 -4.94 -7.09
CA PHE B 311 22.39 -4.21 -8.02
C PHE B 311 20.97 -4.65 -7.70
N TYR B 312 20.46 -5.67 -8.39
CA TYR B 312 19.17 -6.23 -8.06
C TYR B 312 19.28 -7.77 -7.80
N ASN B 313 18.75 -8.20 -6.64
CA ASN B 313 18.78 -9.65 -6.26
C ASN B 313 17.41 -10.08 -5.82
N VAL B 314 16.96 -11.23 -6.31
CA VAL B 314 15.58 -11.72 -6.04
C VAL B 314 15.67 -13.21 -5.83
N THR B 315 15.07 -13.73 -4.76
CA THR B 315 15.02 -15.19 -4.57
C THR B 315 13.58 -15.66 -4.35
N THR B 316 13.19 -16.70 -5.06
CA THR B 316 11.91 -17.40 -4.75
C THR B 316 12.13 -18.89 -4.40
N THR B 317 13.40 -19.35 -4.39
CA THR B 317 13.71 -20.79 -4.12
C THR B 317 14.66 -20.99 -2.99
N ALA B 318 15.25 -19.90 -2.50
CA ALA B 318 16.21 -19.94 -1.41
C ALA B 318 15.89 -18.86 -0.37
N THR B 319 16.65 -18.78 0.71
CA THR B 319 16.56 -17.62 1.57
C THR B 319 17.37 -16.45 0.95
N PHE B 320 17.00 -15.22 1.34
CA PHE B 320 17.73 -14.03 0.84
C PHE B 320 19.23 -14.08 1.25
N LYS B 321 19.47 -14.55 2.46
CA LYS B 321 20.82 -14.82 2.96
CA LYS B 321 20.84 -14.78 2.94
C LYS B 321 21.56 -15.79 2.05
N GLN B 322 20.92 -16.90 1.72
CA GLN B 322 21.56 -17.84 0.84
C GLN B 322 21.85 -17.18 -0.50
N LEU B 323 20.90 -16.38 -0.99
CA LEU B 323 21.12 -15.68 -2.27
C LEU B 323 22.32 -14.75 -2.21
N MET B 324 22.33 -13.88 -1.20
CA MET B 324 23.43 -12.89 -1.05
C MET B 324 24.75 -13.57 -0.80
N GLN B 325 24.70 -14.76 -0.22
CA GLN B 325 25.95 -15.44 -0.04
C GLN B 325 26.51 -15.89 -1.41
N ASP B 326 25.65 -16.44 -2.25
CA ASP B 326 26.09 -16.81 -3.60
C ASP B 326 26.54 -15.58 -4.35
N ALA B 327 25.88 -14.45 -4.12
CA ALA B 327 26.30 -13.20 -4.73
C ALA B 327 27.77 -12.79 -4.37
N ILE B 328 28.14 -12.95 -3.09
CA ILE B 328 29.52 -12.66 -2.64
C ILE B 328 30.49 -13.65 -3.36
N LEU B 329 30.12 -14.94 -3.36
CA LEU B 329 30.99 -15.96 -4.00
C LEU B 329 31.21 -15.65 -5.51
N LEU B 330 30.12 -15.26 -6.16
CA LEU B 330 30.21 -14.87 -7.59
C LEU B 330 31.11 -13.66 -7.81
N ALA B 331 31.04 -12.68 -6.91
CA ALA B 331 31.97 -11.55 -6.99
C ALA B 331 33.39 -12.05 -6.77
N LYS B 332 33.57 -12.96 -5.81
CA LYS B 332 34.91 -13.46 -5.55
C LYS B 332 35.47 -14.22 -6.79
N ARG B 333 34.66 -15.09 -7.42
CA ARG B 333 35.09 -15.83 -8.63
C ARG B 333 35.45 -14.91 -9.81
N ASN B 334 34.93 -13.67 -9.78
CA ASN B 334 35.25 -12.68 -10.77
C ASN B 334 36.31 -11.65 -10.33
N ASN B 335 37.17 -12.05 -9.36
CA ASN B 335 38.39 -11.28 -8.97
C ASN B 335 38.08 -9.93 -8.31
N PHE B 336 36.91 -9.73 -7.69
CA PHE B 336 36.64 -8.48 -6.88
C PHE B 336 37.25 -8.52 -5.51
N ASP B 337 37.65 -7.35 -5.03
CA ASP B 337 38.31 -7.27 -3.75
C ASP B 337 37.35 -7.10 -2.61
N VAL B 338 36.14 -6.64 -2.92
CA VAL B 338 35.14 -6.24 -1.90
C VAL B 338 33.77 -6.23 -2.62
N PHE B 339 32.72 -6.47 -1.83
CA PHE B 339 31.33 -6.49 -2.33
C PHE B 339 30.63 -5.42 -1.47
N ASN B 340 30.10 -4.41 -2.15
CA ASN B 340 29.42 -3.27 -1.50
C ASN B 340 27.90 -3.29 -1.71
N ALA B 341 27.17 -2.90 -0.67
CA ALA B 341 25.70 -2.88 -0.80
C ALA B 341 25.18 -1.76 0.07
N LEU B 342 24.06 -1.20 -0.35
CA LEU B 342 23.31 -0.27 0.47
C LEU B 342 22.19 -0.93 1.26
N GLU B 343 21.76 -0.30 2.37
CA GLU B 343 20.65 -0.85 3.18
C GLU B 343 19.29 -0.64 2.49
N VAL B 344 19.21 -0.93 1.20
CA VAL B 344 17.93 -0.78 0.48
C VAL B 344 17.27 -2.10 0.30
N MET B 345 15.99 -2.11 -0.08
CA MET B 345 15.28 -3.40 -0.33
C MET B 345 15.40 -4.27 0.92
N GLN B 346 15.72 -5.57 0.79
CA GLN B 346 15.88 -6.52 1.93
C GLN B 346 17.33 -6.65 2.35
N ASN B 347 18.21 -5.80 1.81
CA ASN B 347 19.62 -5.97 2.07
C ASN B 347 20.05 -5.97 3.57
N LYS B 348 19.53 -5.01 4.37
CA LYS B 348 19.98 -4.83 5.74
CA LYS B 348 20.04 -4.86 5.71
C LYS B 348 19.94 -6.16 6.49
N SER B 349 18.92 -6.95 6.21
CA SER B 349 18.69 -8.18 7.01
C SER B 349 19.80 -9.21 6.92
N VAL B 350 20.64 -9.16 5.88
CA VAL B 350 21.70 -10.18 5.70
C VAL B 350 23.06 -9.66 6.15
N PHE B 351 23.13 -8.36 6.49
CA PHE B 351 24.46 -7.76 6.72
C PHE B 351 25.27 -8.36 7.85
N GLU B 352 24.66 -8.54 9.00
CA GLU B 352 25.40 -9.08 10.14
C GLU B 352 25.86 -10.53 9.89
N ASP B 353 24.92 -11.40 9.48
CA ASP B 353 25.19 -12.85 9.21
C ASP B 353 26.24 -13.05 8.12
N LEU B 354 26.22 -12.16 7.12
CA LEU B 354 27.17 -12.31 5.98
C LEU B 354 28.51 -11.53 6.13
N LYS B 355 28.71 -10.97 7.30
CA LYS B 355 29.95 -10.30 7.71
C LYS B 355 30.24 -9.02 6.94
N PHE B 356 29.18 -8.28 6.54
CA PHE B 356 29.36 -6.92 6.06
C PHE B 356 29.69 -5.99 7.26
N GLY B 357 30.58 -5.02 7.07
CA GLY B 357 30.87 -3.97 8.05
C GLY B 357 30.18 -2.67 7.61
N GLU B 358 29.56 -1.96 8.56
CA GLU B 358 28.96 -0.63 8.25
C GLU B 358 30.09 0.30 7.80
N GLY B 359 29.90 1.02 6.69
CA GLY B 359 30.86 1.99 6.23
C GLY B 359 30.74 3.34 6.96
N ASP B 360 31.33 4.35 6.36
CA ASP B 360 31.50 5.63 7.04
CA ASP B 360 31.51 5.64 7.03
C ASP B 360 30.50 6.72 6.59
N GLY B 361 29.53 6.37 5.73
CA GLY B 361 28.57 7.40 5.25
C GLY B 361 27.36 6.81 4.58
N SER B 362 26.63 7.66 3.88
CA SER B 362 25.37 7.21 3.30
C SER B 362 25.13 7.84 1.92
N LEU B 363 24.30 7.19 1.11
CA LEU B 363 23.86 7.77 -0.19
C LEU B 363 22.42 8.24 -0.05
N LYS B 364 22.22 9.52 -0.34
CA LYS B 364 20.88 10.13 -0.24
C LYS B 364 20.19 10.06 -1.60
N TYR B 365 18.88 9.79 -1.58
CA TYR B 365 18.07 9.70 -2.77
C TYR B 365 17.22 10.97 -2.80
N TYR B 366 17.15 11.57 -4.00
CA TYR B 366 16.46 12.81 -4.24
C TYR B 366 15.49 12.72 -5.40
N LEU B 367 14.39 13.45 -5.28
CA LEU B 367 13.56 13.75 -6.42
C LEU B 367 13.58 15.25 -6.72
N TYR B 368 13.50 15.59 -7.99
CA TYR B 368 13.37 17.00 -8.43
C TYR B 368 11.92 17.28 -8.88
N ASN B 369 11.36 18.38 -8.36
CA ASN B 369 9.97 18.76 -8.59
C ASN B 369 8.90 17.71 -8.21
N TRP B 370 9.09 17.14 -7.04
CA TRP B 370 8.16 16.12 -6.49
C TRP B 370 8.15 16.27 -4.96
N LYS B 371 6.92 16.39 -4.47
CA LYS B 371 6.57 16.55 -3.08
C LYS B 371 5.93 15.21 -2.61
N CYS B 372 6.51 14.60 -1.58
CA CYS B 372 6.03 13.30 -1.03
C CYS B 372 6.66 13.05 0.35
N ALA B 373 6.06 12.14 1.14
CA ALA B 373 6.61 11.70 2.42
C ALA B 373 7.93 11.06 2.16
N SER B 374 8.88 11.32 3.04
CA SER B 374 10.14 10.59 3.01
C SER B 374 9.91 9.19 3.61
N PHE B 375 10.88 8.28 3.44
CA PHE B 375 10.70 6.90 3.92
C PHE B 375 12.04 6.21 4.19
N ALA B 376 11.99 5.19 5.04
CA ALA B 376 13.20 4.43 5.43
C ALA B 376 13.71 3.72 4.19
N PRO B 377 15.04 3.49 4.13
CA PRO B 377 15.60 2.92 2.89
C PRO B 377 15.21 1.49 2.57
N ALA B 378 14.67 0.74 3.53
CA ALA B 378 14.07 -0.60 3.20
C ALA B 378 12.96 -0.44 2.18
N HIS B 379 12.40 0.78 2.08
CA HIS B 379 11.32 1.03 1.15
C HIS B 379 11.80 1.51 -0.25
N VAL B 380 13.13 1.72 -0.35
CA VAL B 380 13.78 2.06 -1.61
C VAL B 380 14.03 0.83 -2.44
N GLY B 381 13.55 0.89 -3.68
CA GLY B 381 13.64 -0.22 -4.64
C GLY B 381 14.44 0.08 -5.89
N ILE B 382 15.35 1.05 -5.81
CA ILE B 382 16.13 1.44 -7.01
C ILE B 382 17.60 1.65 -6.59
N VAL B 383 18.52 1.26 -7.48
CA VAL B 383 19.98 1.44 -7.26
C VAL B 383 20.54 2.26 -8.43
N LEU B 384 21.10 3.47 -8.18
CA LEU B 384 21.65 4.30 -9.26
CA LEU B 384 21.63 4.30 -9.27
C LEU B 384 23.14 4.10 -9.31
N LEU B 385 23.71 4.23 -10.50
CA LEU B 385 25.08 3.74 -10.71
C LEU B 385 26.09 4.71 -10.11
N ASP C 2 -32.17 -16.78 0.12
CA ASP C 2 -30.72 -17.20 0.20
C ASP C 2 -29.96 -17.38 -1.14
N TYR C 3 -30.53 -16.84 -2.23
CA TYR C 3 -29.81 -16.55 -3.51
C TYR C 3 -29.04 -17.73 -4.07
N LYS C 4 -29.76 -18.78 -4.41
CA LYS C 4 -29.10 -20.04 -4.78
C LYS C 4 -28.35 -19.90 -6.13
N PHE C 5 -28.82 -19.06 -7.06
CA PHE C 5 -28.03 -18.73 -8.26
C PHE C 5 -26.90 -17.76 -7.92
N TRP C 6 -27.26 -16.60 -7.36
CA TRP C 6 -26.20 -15.60 -7.12
C TRP C 6 -25.01 -16.11 -6.31
N TYR C 7 -25.24 -17.08 -5.41
CA TYR C 7 -24.23 -17.73 -4.51
CA TYR C 7 -24.11 -17.45 -4.57
C TYR C 7 -23.10 -18.38 -5.28
N THR C 8 -23.46 -18.84 -6.46
N THR C 8 -23.48 -18.95 -6.42
CA THR C 8 -22.60 -19.63 -7.32
CA THR C 8 -22.54 -19.65 -7.31
C THR C 8 -21.78 -18.73 -8.25
C THR C 8 -21.61 -18.67 -8.05
N GLN C 9 -22.03 -17.41 -8.15
CA GLN C 9 -21.35 -16.40 -8.97
C GLN C 9 -20.23 -15.61 -8.19
N PRO C 10 -19.25 -15.05 -8.94
CA PRO C 10 -18.19 -14.20 -8.35
C PRO C 10 -18.74 -12.77 -7.98
N VAL C 11 -19.62 -12.73 -6.96
CA VAL C 11 -20.15 -11.45 -6.40
C VAL C 11 -20.14 -11.55 -4.88
N PRO C 12 -20.28 -10.43 -4.13
CA PRO C 12 -20.14 -10.63 -2.67
C PRO C 12 -21.31 -11.41 -2.10
N LYS C 13 -21.13 -12.02 -0.94
CA LYS C 13 -22.24 -12.64 -0.20
CA LYS C 13 -22.25 -12.63 -0.21
C LYS C 13 -23.05 -11.50 0.40
N ILE C 14 -24.33 -11.73 0.70
CA ILE C 14 -25.23 -10.66 1.19
C ILE C 14 -24.72 -9.88 2.42
N ASN C 15 -23.91 -10.57 3.25
CA ASN C 15 -23.32 -10.02 4.48
C ASN C 15 -21.87 -9.45 4.39
N ASP C 16 -21.22 -9.51 3.21
CA ASP C 16 -19.81 -9.04 2.99
C ASP C 16 -19.59 -7.54 3.12
N GLU C 17 -18.48 -7.17 3.74
CA GLU C 17 -18.09 -5.76 3.75
C GLU C 17 -16.61 -5.72 3.53
N PHE C 18 -16.13 -4.75 2.74
CA PHE C 18 -14.73 -4.76 2.37
C PHE C 18 -14.02 -3.50 2.86
N ASN C 19 -12.72 -3.59 3.10
CA ASN C 19 -11.93 -2.46 3.58
CA ASN C 19 -12.00 -2.41 3.58
C ASN C 19 -11.67 -1.49 2.42
N GLU C 20 -11.42 -0.22 2.74
CA GLU C 20 -11.23 0.85 1.73
C GLU C 20 -10.15 0.54 0.68
N SER C 21 -9.17 -0.28 1.06
CA SER C 21 -8.03 -0.63 0.20
C SER C 21 -8.30 -1.74 -0.84
N VAL C 22 -9.21 -2.67 -0.54
CA VAL C 22 -9.57 -3.81 -1.44
C VAL C 22 -10.16 -3.26 -2.75
N ASN C 23 -9.58 -3.60 -3.90
CA ASN C 23 -10.16 -3.11 -5.17
C ASN C 23 -9.62 -4.05 -6.22
N GLU C 24 -10.26 -5.22 -6.37
CA GLU C 24 -9.72 -6.29 -7.20
C GLU C 24 -10.82 -7.26 -7.62
N PRO C 25 -10.55 -8.12 -8.62
CA PRO C 25 -11.56 -9.16 -8.97
C PRO C 25 -11.79 -10.19 -7.84
N PHE C 26 -12.93 -10.85 -7.81
CA PHE C 26 -13.00 -12.09 -7.04
C PHE C 26 -12.13 -13.19 -7.64
N ILE C 27 -12.07 -13.24 -8.97
CA ILE C 27 -11.44 -14.34 -9.72
C ILE C 27 -10.56 -13.66 -10.79
N SER C 28 -9.24 -13.84 -10.71
CA SER C 28 -8.28 -13.30 -11.69
CA SER C 28 -8.28 -13.30 -11.68
C SER C 28 -7.70 -14.46 -12.49
N ASP C 29 -6.87 -14.13 -13.48
CA ASP C 29 -6.13 -15.12 -14.30
C ASP C 29 -7.11 -16.02 -15.11
N ASN C 30 -8.18 -15.38 -15.57
CA ASN C 30 -9.21 -15.92 -16.41
C ASN C 30 -8.61 -16.12 -17.80
N LYS C 31 -9.10 -17.14 -18.52
CA LYS C 31 -8.55 -17.44 -19.85
C LYS C 31 -9.64 -17.60 -20.89
N VAL C 32 -9.60 -16.83 -21.97
CA VAL C 32 -10.54 -16.95 -23.05
C VAL C 32 -10.54 -18.40 -23.59
N GLU C 33 -9.38 -19.04 -23.62
CA GLU C 33 -9.25 -20.40 -24.20
CA GLU C 33 -9.25 -20.41 -24.20
C GLU C 33 -10.08 -21.43 -23.44
N ASP C 34 -10.40 -21.14 -22.16
CA ASP C 34 -11.08 -22.08 -21.31
C ASP C 34 -12.60 -21.82 -21.24
N VAL C 35 -13.04 -20.68 -21.76
CA VAL C 35 -14.46 -20.33 -21.81
C VAL C 35 -15.30 -21.41 -22.53
N ARG C 36 -16.46 -21.74 -21.96
CA ARG C 36 -17.38 -22.68 -22.62
C ARG C 36 -17.70 -22.20 -24.08
N LYS C 37 -17.55 -23.07 -25.10
CA LYS C 37 -17.84 -22.63 -26.48
C LYS C 37 -19.27 -22.98 -26.88
N ASP C 38 -19.98 -23.75 -26.05
CA ASP C 38 -21.36 -24.12 -26.32
C ASP C 38 -22.36 -23.15 -25.63
N GLU C 39 -23.47 -22.86 -26.33
CA GLU C 39 -24.56 -22.04 -25.73
C GLU C 39 -25.23 -22.80 -24.57
N TYR C 40 -25.69 -22.06 -23.58
CA TYR C 40 -26.44 -22.67 -22.48
C TYR C 40 -27.73 -23.28 -23.06
N LYS C 41 -28.19 -24.36 -22.41
CA LYS C 41 -29.37 -25.10 -22.81
CA LYS C 41 -29.36 -25.07 -22.85
C LYS C 41 -30.65 -24.39 -22.38
N LEU C 42 -31.62 -24.40 -23.26
CA LEU C 42 -32.93 -23.84 -22.95
C LEU C 42 -33.93 -24.98 -22.87
N PRO C 43 -35.12 -24.72 -22.25
CA PRO C 43 -36.16 -25.74 -22.21
C PRO C 43 -36.67 -26.16 -23.61
N PRO C 44 -37.30 -27.35 -23.73
CA PRO C 44 -37.89 -27.79 -25.00
C PRO C 44 -38.80 -26.73 -25.62
N GLY C 45 -38.50 -26.44 -26.88
CA GLY C 45 -39.27 -25.51 -27.64
C GLY C 45 -38.83 -24.07 -27.54
N TYR C 46 -37.75 -23.78 -26.80
CA TYR C 46 -37.19 -22.40 -26.76
C TYR C 46 -35.85 -22.35 -27.48
N SER C 47 -35.57 -21.24 -28.18
CA SER C 47 -34.27 -21.10 -28.84
CA SER C 47 -34.31 -21.09 -28.89
C SER C 47 -33.62 -19.72 -28.70
N TRP C 48 -32.30 -19.72 -28.67
CA TRP C 48 -31.55 -18.49 -28.74
C TRP C 48 -31.78 -17.83 -30.10
N TYR C 49 -31.79 -16.50 -30.09
CA TYR C 49 -32.03 -15.76 -31.27
C TYR C 49 -31.02 -14.63 -31.35
N VAL C 50 -30.44 -14.44 -32.53
CA VAL C 50 -29.46 -13.32 -32.69
C VAL C 50 -30.26 -12.04 -33.00
N CYS C 51 -30.40 -11.12 -32.08
CA CYS C 51 -31.21 -9.93 -32.40
C CYS C 51 -30.32 -8.92 -33.11
N ASP C 52 -30.79 -8.42 -34.27
CA ASP C 52 -30.07 -7.41 -35.05
C ASP C 52 -30.79 -6.09 -34.80
N VAL C 53 -30.31 -5.29 -33.84
N VAL C 53 -30.26 -5.30 -33.86
CA VAL C 53 -31.07 -4.10 -33.44
CA VAL C 53 -30.92 -4.05 -33.38
C VAL C 53 -31.13 -3.07 -34.58
C VAL C 53 -31.00 -2.99 -34.49
N LYS C 54 -30.17 -3.12 -35.52
CA LYS C 54 -30.27 -2.23 -36.72
C LYS C 54 -31.32 -2.62 -37.73
N ASP C 55 -31.79 -3.86 -37.61
CA ASP C 55 -32.89 -4.37 -38.39
C ASP C 55 -34.19 -3.91 -37.77
N GLU C 56 -35.00 -3.21 -38.57
CA GLU C 56 -36.22 -2.63 -38.04
CA GLU C 56 -36.29 -2.64 -38.12
C GLU C 56 -37.17 -3.71 -37.47
N LYS C 57 -37.32 -4.84 -38.16
CA LYS C 57 -38.18 -5.89 -37.66
C LYS C 57 -37.71 -6.50 -36.30
N ASP C 58 -36.43 -6.86 -36.20
CA ASP C 58 -35.90 -7.36 -34.93
C ASP C 58 -36.03 -6.30 -33.86
N ARG C 59 -35.83 -5.03 -34.25
CA ARG C 59 -35.90 -3.93 -33.28
C ARG C 59 -37.32 -3.86 -32.71
N SER C 60 -38.32 -3.94 -33.58
CA SER C 60 -39.72 -3.82 -33.13
C SER C 60 -40.09 -4.96 -32.21
N GLU C 61 -39.47 -6.13 -32.42
CA GLU C 61 -39.79 -7.29 -31.60
CA GLU C 61 -39.83 -7.27 -31.60
C GLU C 61 -39.26 -7.18 -30.18
N ILE C 62 -38.06 -6.57 -30.02
CA ILE C 62 -37.52 -6.23 -28.71
C ILE C 62 -38.42 -5.15 -28.09
N TYR C 63 -38.75 -4.13 -28.89
CA TYR C 63 -39.68 -3.05 -28.43
C TYR C 63 -40.95 -3.66 -27.79
N THR C 64 -41.57 -4.60 -28.48
CA THR C 64 -42.87 -5.16 -28.02
C THR C 64 -42.66 -6.00 -26.79
N LEU C 65 -41.62 -6.82 -26.82
CA LEU C 65 -41.26 -7.56 -25.62
C LEU C 65 -41.20 -6.66 -24.40
N LEU C 66 -40.45 -5.55 -24.49
CA LEU C 66 -40.24 -4.68 -23.34
C LEU C 66 -41.50 -3.88 -23.03
N THR C 67 -42.23 -3.44 -24.07
CA THR C 67 -43.43 -2.64 -23.80
C THR C 67 -44.40 -3.41 -22.91
N ASP C 68 -44.54 -4.71 -23.18
CA ASP C 68 -45.53 -5.53 -22.49
C ASP C 68 -45.02 -6.15 -21.19
N ASN C 69 -43.70 -6.33 -21.06
CA ASN C 69 -43.22 -7.19 -19.97
C ASN C 69 -42.06 -6.60 -19.16
N TYR C 70 -41.69 -5.34 -19.40
CA TYR C 70 -40.49 -4.82 -18.72
C TYR C 70 -40.89 -4.26 -17.34
N VAL C 71 -40.00 -3.49 -16.71
CA VAL C 71 -40.12 -3.08 -15.33
C VAL C 71 -41.38 -2.28 -15.03
N GLU C 72 -42.06 -2.66 -13.94
CA GLU C 72 -43.20 -1.90 -13.34
C GLU C 72 -42.86 -1.39 -11.93
N ASP C 73 -43.45 -0.28 -11.47
CA ASP C 73 -43.16 0.19 -10.10
C ASP C 73 -43.78 -0.80 -9.09
N ASP C 74 -43.44 -0.64 -7.82
CA ASP C 74 -43.90 -1.59 -6.79
C ASP C 74 -45.44 -1.78 -6.68
N ASP C 75 -46.21 -0.76 -7.11
CA ASP C 75 -47.68 -0.82 -7.08
C ASP C 75 -48.37 -1.03 -8.44
N ASN C 76 -47.60 -1.46 -9.43
CA ASN C 76 -48.13 -1.69 -10.79
C ASN C 76 -48.95 -0.52 -11.39
N ILE C 77 -48.56 0.74 -11.09
CA ILE C 77 -49.20 1.84 -11.81
CA ILE C 77 -49.13 1.93 -11.75
C ILE C 77 -48.53 2.15 -13.14
N PHE C 78 -47.22 1.90 -13.24
CA PHE C 78 -46.51 2.25 -14.48
C PHE C 78 -45.72 1.10 -15.01
N ARG C 79 -45.44 1.10 -16.32
CA ARG C 79 -44.48 0.17 -16.93
C ARG C 79 -43.58 0.97 -17.88
N PHE C 80 -42.24 0.88 -17.74
CA PHE C 80 -41.39 1.57 -18.73
C PHE C 80 -41.77 1.22 -20.18
N ASN C 81 -41.66 2.19 -21.09
CA ASN C 81 -42.01 2.03 -22.48
C ASN C 81 -40.89 2.65 -23.31
N TYR C 82 -39.69 2.07 -23.18
CA TYR C 82 -38.58 2.54 -23.99
C TYR C 82 -38.97 2.51 -25.48
N SER C 83 -38.76 3.62 -26.23
CA SER C 83 -39.09 3.62 -27.68
C SER C 83 -38.12 2.72 -28.48
N ALA C 84 -38.55 2.35 -29.68
CA ALA C 84 -37.64 1.62 -30.62
C ALA C 84 -36.34 2.44 -30.94
N GLU C 85 -36.49 3.77 -31.08
CA GLU C 85 -35.35 4.63 -31.44
C GLU C 85 -34.41 4.73 -30.26
N PHE C 86 -34.99 4.81 -29.03
CA PHE C 86 -34.23 4.76 -27.81
C PHE C 86 -33.39 3.49 -27.77
N LEU C 87 -34.05 2.36 -27.99
CA LEU C 87 -33.35 1.04 -27.99
C LEU C 87 -32.20 1.03 -29.02
N LEU C 88 -32.41 1.60 -30.20
CA LEU C 88 -31.33 1.66 -31.22
C LEU C 88 -30.10 2.42 -30.66
N TRP C 89 -30.34 3.58 -30.08
CA TRP C 89 -29.28 4.41 -29.48
C TRP C 89 -28.57 3.70 -28.30
N ALA C 90 -29.37 3.06 -27.41
CA ALA C 90 -28.81 2.51 -26.18
C ALA C 90 -27.94 1.27 -26.51
N LEU C 91 -28.24 0.64 -27.64
CA LEU C 91 -27.59 -0.65 -27.94
C LEU C 91 -26.44 -0.59 -28.94
N THR C 92 -26.23 0.54 -29.60
CA THR C 92 -25.29 0.58 -30.70
C THR C 92 -24.18 1.63 -30.51
N SER C 93 -23.80 1.80 -29.27
CA SER C 93 -22.65 2.62 -28.88
C SER C 93 -21.35 2.11 -29.48
N PRO C 94 -20.28 2.92 -29.45
CA PRO C 94 -19.04 2.58 -30.19
C PRO C 94 -18.49 1.21 -29.76
N ASN C 95 -18.08 0.45 -30.78
CA ASN C 95 -17.52 -0.90 -30.61
C ASN C 95 -18.47 -1.92 -29.98
N TYR C 96 -19.77 -1.67 -30.07
CA TYR C 96 -20.71 -2.69 -29.54
C TYR C 96 -20.54 -4.03 -30.27
N LEU C 97 -20.96 -5.10 -29.60
CA LEU C 97 -20.83 -6.43 -30.11
C LEU C 97 -22.23 -6.89 -30.42
N LYS C 98 -22.46 -7.34 -31.66
CA LYS C 98 -23.73 -7.99 -32.07
CA LYS C 98 -23.77 -7.93 -31.98
C LYS C 98 -24.06 -9.24 -31.26
N THR C 99 -23.00 -9.93 -30.82
CA THR C 99 -23.17 -11.16 -30.07
C THR C 99 -23.82 -10.84 -28.71
N TRP C 100 -23.81 -9.57 -28.26
CA TRP C 100 -24.24 -9.23 -26.90
C TRP C 100 -25.68 -8.73 -26.83
N HIS C 101 -26.41 -8.88 -27.94
CA HIS C 101 -27.85 -8.57 -28.06
C HIS C 101 -28.61 -9.92 -28.22
N ILE C 102 -29.07 -10.45 -27.08
CA ILE C 102 -29.47 -11.88 -26.97
C ILE C 102 -30.98 -12.04 -26.81
N GLY C 103 -31.64 -12.68 -27.76
CA GLY C 103 -33.06 -12.97 -27.63
C GLY C 103 -33.30 -14.43 -27.35
N VAL C 104 -34.42 -14.71 -26.70
CA VAL C 104 -34.94 -16.08 -26.62
C VAL C 104 -36.30 -16.09 -27.31
N LYS C 105 -36.47 -17.07 -28.19
CA LYS C 105 -37.79 -17.24 -28.86
C LYS C 105 -38.50 -18.47 -28.43
N TYR C 106 -39.82 -18.41 -28.47
CA TYR C 106 -40.61 -19.63 -28.31
C TYR C 106 -40.88 -20.18 -29.71
N ASP C 107 -40.44 -21.42 -29.97
CA ASP C 107 -40.55 -21.92 -31.36
C ASP C 107 -41.98 -21.99 -31.91
N ALA C 108 -42.95 -22.24 -31.05
CA ALA C 108 -44.36 -22.41 -31.47
C ALA C 108 -44.92 -21.13 -32.10
N SER C 109 -44.43 -19.99 -31.63
CA SER C 109 -45.02 -18.68 -31.97
C SER C 109 -44.09 -17.80 -32.83
N ASN C 110 -42.80 -18.18 -32.92
CA ASN C 110 -41.79 -17.29 -33.47
C ASN C 110 -41.72 -15.90 -32.81
N LYS C 111 -42.18 -15.81 -31.56
CA LYS C 111 -42.14 -14.55 -30.82
C LYS C 111 -41.04 -14.53 -29.76
N LEU C 112 -40.51 -13.32 -29.49
CA LEU C 112 -39.50 -13.12 -28.44
C LEU C 112 -40.10 -13.27 -27.03
N ILE C 113 -39.60 -14.20 -26.21
CA ILE C 113 -40.10 -14.29 -24.83
C ILE C 113 -39.07 -13.89 -23.81
N GLY C 114 -37.88 -13.59 -24.33
CA GLY C 114 -36.77 -13.23 -23.45
C GLY C 114 -35.77 -12.35 -24.17
N PHE C 115 -35.00 -11.61 -23.37
CA PHE C 115 -33.96 -10.68 -23.89
C PHE C 115 -32.97 -10.31 -22.78
N ILE C 116 -31.70 -10.14 -23.17
CA ILE C 116 -30.68 -9.49 -22.32
C ILE C 116 -29.67 -8.83 -23.23
N SER C 117 -29.04 -7.74 -22.78
CA SER C 117 -28.00 -7.11 -23.58
C SER C 117 -26.84 -6.59 -22.74
N ALA C 118 -25.76 -6.25 -23.47
CA ALA C 118 -24.60 -5.63 -22.88
C ALA C 118 -23.96 -4.77 -23.94
N ILE C 119 -23.32 -3.69 -23.49
CA ILE C 119 -22.46 -2.93 -24.40
C ILE C 119 -21.12 -2.72 -23.66
N PRO C 120 -20.01 -2.53 -24.41
CA PRO C 120 -18.74 -2.44 -23.72
C PRO C 120 -18.34 -1.01 -23.34
N THR C 121 -17.73 -0.80 -22.16
CA THR C 121 -17.08 0.53 -21.91
C THR C 121 -16.04 0.37 -20.84
N ASP C 122 -15.19 1.38 -20.72
CA ASP C 122 -14.20 1.48 -19.66
C ASP C 122 -14.80 2.12 -18.42
N ILE C 123 -14.81 1.35 -17.32
CA ILE C 123 -15.33 1.77 -16.02
C ILE C 123 -14.16 2.06 -15.06
N CYS C 124 -14.14 3.25 -14.49
CA CYS C 124 -13.19 3.52 -13.44
C CYS C 124 -13.85 3.27 -12.12
N ILE C 125 -13.34 2.30 -11.38
CA ILE C 125 -13.86 1.97 -10.03
C ILE C 125 -12.75 2.23 -8.98
N HIS C 126 -13.00 3.09 -7.98
CA HIS C 126 -11.92 3.46 -6.99
C HIS C 126 -10.56 3.68 -7.67
N LYS C 127 -10.57 4.41 -8.79
CA LYS C 127 -9.33 4.82 -9.48
C LYS C 127 -8.65 3.75 -10.33
N ARG C 128 -9.25 2.56 -10.48
CA ARG C 128 -8.71 1.57 -11.41
C ARG C 128 -9.70 1.51 -12.58
N THR C 129 -9.18 1.67 -13.79
CA THR C 129 -9.99 1.58 -14.98
C THR C 129 -9.98 0.16 -15.55
N ILE C 130 -11.18 -0.38 -15.80
CA ILE C 130 -11.30 -1.82 -16.16
C ILE C 130 -12.28 -1.86 -17.34
N LYS C 131 -11.96 -2.61 -18.41
CA LYS C 131 -12.94 -2.83 -19.47
C LYS C 131 -14.09 -3.66 -18.93
N MET C 132 -15.35 -3.22 -19.09
CA MET C 132 -16.49 -3.90 -18.51
C MET C 132 -17.63 -4.00 -19.50
N ALA C 133 -18.52 -4.94 -19.29
CA ALA C 133 -19.79 -4.98 -20.02
C ALA C 133 -20.80 -4.25 -19.14
N GLU C 134 -21.62 -3.43 -19.75
CA GLU C 134 -22.75 -2.80 -19.04
CA GLU C 134 -22.75 -2.80 -19.03
C GLU C 134 -24.00 -3.55 -19.46
N VAL C 135 -24.64 -4.24 -18.52
CA VAL C 135 -25.76 -5.15 -18.83
C VAL C 135 -27.07 -4.43 -18.53
N ASN C 136 -28.06 -4.64 -19.38
CA ASN C 136 -29.32 -3.94 -19.26
C ASN C 136 -30.35 -4.68 -20.08
N PHE C 137 -31.61 -4.37 -19.81
CA PHE C 137 -32.75 -4.86 -20.58
C PHE C 137 -33.06 -6.35 -20.40
N LEU C 138 -32.63 -6.91 -19.29
CA LEU C 138 -33.00 -8.29 -18.98
C LEU C 138 -34.53 -8.35 -18.83
N CYS C 139 -35.20 -9.28 -19.51
CA CYS C 139 -36.63 -9.35 -19.47
C CYS C 139 -37.08 -10.75 -19.82
N VAL C 140 -37.96 -11.34 -19.00
CA VAL C 140 -38.67 -12.59 -19.33
C VAL C 140 -40.17 -12.27 -19.39
N HIS C 141 -40.84 -12.76 -20.44
CA HIS C 141 -42.29 -12.57 -20.61
C HIS C 141 -43.04 -12.91 -19.29
N LYS C 142 -44.13 -12.19 -19.04
CA LYS C 142 -44.91 -12.31 -17.81
C LYS C 142 -45.46 -13.70 -17.60
N THR C 143 -45.79 -14.41 -18.66
CA THR C 143 -46.29 -15.79 -18.50
C THR C 143 -45.20 -16.84 -18.20
N LEU C 144 -43.92 -16.44 -18.26
CA LEU C 144 -42.80 -17.40 -17.98
C LEU C 144 -41.99 -17.05 -16.73
N ARG C 145 -42.60 -16.31 -15.80
CA ARG C 145 -41.94 -15.89 -14.58
C ARG C 145 -41.67 -17.02 -13.57
N SER C 146 -40.56 -16.90 -12.85
CA SER C 146 -40.19 -17.80 -11.79
C SER C 146 -39.99 -19.22 -12.29
N LYS C 147 -39.48 -19.34 -13.51
CA LYS C 147 -39.12 -20.66 -14.06
CA LYS C 147 -39.11 -20.65 -14.04
C LYS C 147 -37.60 -20.77 -14.23
N ARG C 148 -36.84 -19.93 -13.53
CA ARG C 148 -35.35 -19.97 -13.57
C ARG C 148 -34.78 -19.73 -15.00
N LEU C 149 -35.49 -18.91 -15.80
CA LEU C 149 -34.98 -18.52 -17.11
C LEU C 149 -33.97 -17.39 -16.95
N ALA C 150 -34.19 -16.48 -16.00
CA ALA C 150 -33.22 -15.37 -15.88
C ALA C 150 -31.74 -15.84 -15.71
N PRO C 151 -31.46 -16.76 -14.77
CA PRO C 151 -30.08 -17.30 -14.70
C PRO C 151 -29.48 -17.86 -16.03
N VAL C 152 -30.33 -18.44 -16.90
CA VAL C 152 -29.85 -18.99 -18.20
C VAL C 152 -29.39 -17.79 -19.07
N LEU C 153 -30.23 -16.75 -19.15
CA LEU C 153 -29.88 -15.54 -19.92
C LEU C 153 -28.57 -14.90 -19.35
N ILE C 154 -28.46 -14.84 -18.04
CA ILE C 154 -27.29 -14.23 -17.40
C ILE C 154 -26.03 -15.08 -17.70
N LYS C 155 -26.14 -16.39 -17.50
CA LYS C 155 -24.97 -17.23 -17.74
C LYS C 155 -24.54 -17.15 -19.23
N GLU C 156 -25.53 -17.11 -20.10
CA GLU C 156 -25.23 -17.07 -21.55
C GLU C 156 -24.57 -15.75 -21.94
N ILE C 157 -25.10 -14.61 -21.47
CA ILE C 157 -24.38 -13.37 -21.75
C ILE C 157 -22.99 -13.31 -21.09
N THR C 158 -22.86 -13.76 -19.85
CA THR C 158 -21.48 -13.87 -19.25
C THR C 158 -20.52 -14.60 -20.22
N ARG C 159 -20.94 -15.76 -20.73
CA ARG C 159 -20.09 -16.58 -21.62
C ARG C 159 -19.66 -15.77 -22.88
N ARG C 160 -20.60 -15.07 -23.52
CA ARG C 160 -20.26 -14.28 -24.74
C ARG C 160 -19.39 -13.06 -24.38
N ILE C 161 -19.52 -12.52 -23.17
CA ILE C 161 -18.68 -11.40 -22.74
C ILE C 161 -17.25 -11.89 -22.46
N ASN C 162 -17.14 -13.06 -21.81
CA ASN C 162 -15.85 -13.63 -21.51
C ASN C 162 -15.11 -14.03 -22.80
N LEU C 163 -15.82 -14.34 -23.90
CA LEU C 163 -15.11 -14.61 -25.21
C LEU C 163 -14.44 -13.33 -25.83
N GLU C 164 -14.77 -12.19 -25.25
CA GLU C 164 -14.09 -10.93 -25.57
C GLU C 164 -12.97 -10.59 -24.58
N ASN C 165 -12.59 -11.53 -23.74
CA ASN C 165 -11.55 -11.34 -22.68
C ASN C 165 -11.98 -10.25 -21.69
N ILE C 166 -13.27 -10.17 -21.39
CA ILE C 166 -13.80 -9.20 -20.48
C ILE C 166 -14.42 -10.01 -19.36
N TRP C 167 -14.12 -9.63 -18.13
CA TRP C 167 -14.38 -10.48 -16.95
C TRP C 167 -15.11 -9.74 -15.84
N GLN C 168 -15.49 -8.48 -16.10
CA GLN C 168 -16.23 -7.67 -15.14
C GLN C 168 -17.47 -7.07 -15.80
N ALA C 169 -18.50 -6.74 -15.02
CA ALA C 169 -19.66 -6.08 -15.55
C ALA C 169 -20.23 -5.09 -14.51
N ILE C 170 -20.97 -4.10 -15.00
CA ILE C 170 -21.74 -3.22 -14.11
C ILE C 170 -23.19 -3.35 -14.54
N TYR C 171 -24.09 -3.30 -13.57
CA TYR C 171 -25.51 -3.34 -13.81
C TYR C 171 -26.20 -2.67 -12.63
N THR C 172 -27.43 -2.27 -12.85
CA THR C 172 -28.31 -1.69 -11.87
C THR C 172 -29.64 -2.47 -11.82
N ALA C 173 -30.31 -2.44 -10.67
CA ALA C 173 -31.71 -2.92 -10.57
C ALA C 173 -32.33 -2.28 -9.33
N GLY C 174 -33.66 -2.25 -9.33
CA GLY C 174 -34.44 -1.77 -8.20
C GLY C 174 -34.52 -2.83 -7.13
N VAL C 175 -34.31 -4.10 -7.51
CA VAL C 175 -34.37 -5.17 -6.50
C VAL C 175 -33.03 -5.27 -5.77
N TYR C 176 -33.14 -5.64 -4.51
CA TYR C 176 -32.00 -5.97 -3.66
C TYR C 176 -31.38 -7.39 -3.89
N LEU C 177 -30.15 -7.41 -4.39
CA LEU C 177 -29.45 -8.65 -4.77
C LEU C 177 -28.09 -8.58 -4.13
N PRO C 178 -27.30 -9.68 -4.08
CA PRO C 178 -25.89 -9.57 -3.61
C PRO C 178 -24.89 -8.94 -4.61
N LYS C 179 -24.18 -7.88 -4.24
CA LYS C 179 -24.53 -7.00 -3.10
C LYS C 179 -24.27 -5.60 -3.66
N PRO C 180 -25.11 -4.58 -3.35
CA PRO C 180 -24.80 -3.29 -3.98
C PRO C 180 -23.47 -2.66 -3.64
N VAL C 181 -22.83 -2.02 -4.64
CA VAL C 181 -21.68 -1.18 -4.34
CA VAL C 181 -21.67 -1.19 -4.37
C VAL C 181 -22.16 0.18 -3.92
N SER C 182 -23.43 0.48 -4.25
CA SER C 182 -24.03 1.73 -3.84
C SER C 182 -25.54 1.70 -4.10
N ASP C 183 -26.28 2.53 -3.38
CA ASP C 183 -27.75 2.54 -3.45
C ASP C 183 -28.19 4.02 -3.58
N ALA C 184 -29.00 4.32 -4.58
CA ALA C 184 -29.42 5.66 -4.88
C ALA C 184 -30.92 5.82 -4.94
N ARG C 185 -31.50 6.51 -3.94
CA ARG C 185 -32.89 6.92 -4.01
C ARG C 185 -33.23 7.78 -5.21
N TYR C 186 -34.39 7.54 -5.83
CA TYR C 186 -34.87 8.44 -6.87
C TYR C 186 -35.89 9.45 -6.35
N TYR C 187 -35.94 10.61 -7.02
CA TYR C 187 -36.75 11.79 -6.65
C TYR C 187 -37.43 12.34 -7.88
N HIS C 188 -38.61 12.96 -7.69
CA HIS C 188 -39.45 13.32 -8.82
C HIS C 188 -39.80 14.79 -8.75
N ARG C 189 -39.59 15.52 -9.85
N ARG C 189 -39.64 15.52 -9.85
CA ARG C 189 -40.11 16.88 -9.97
CA ARG C 189 -40.10 16.92 -9.87
C ARG C 189 -41.33 16.88 -10.87
C ARG C 189 -41.26 17.04 -10.86
N SER C 190 -42.47 17.32 -10.33
CA SER C 190 -43.66 17.45 -11.14
C SER C 190 -43.61 18.66 -12.03
N ILE C 191 -43.98 18.45 -13.29
CA ILE C 191 -44.05 19.52 -14.25
C ILE C 191 -45.52 19.72 -14.70
N ASN C 192 -46.15 18.65 -15.16
CA ASN C 192 -47.58 18.67 -15.53
CA ASN C 192 -47.57 18.73 -15.50
C ASN C 192 -48.35 18.20 -14.29
N VAL C 193 -48.50 19.10 -13.32
CA VAL C 193 -49.07 18.73 -11.99
C VAL C 193 -50.46 18.09 -12.09
N LYS C 194 -51.29 18.65 -12.97
CA LYS C 194 -52.67 18.25 -13.11
C LYS C 194 -52.74 16.76 -13.49
N LYS C 195 -52.00 16.38 -14.54
CA LYS C 195 -51.87 14.98 -14.94
C LYS C 195 -51.34 14.06 -13.80
N LEU C 196 -50.31 14.46 -13.07
CA LEU C 196 -49.79 13.62 -12.03
C LEU C 196 -50.77 13.38 -10.86
N ILE C 197 -51.59 14.41 -10.59
CA ILE C 197 -52.68 14.29 -9.58
CA ILE C 197 -52.70 14.37 -9.63
C ILE C 197 -53.78 13.32 -10.00
N GLU C 198 -54.24 13.39 -11.26
CA GLU C 198 -55.25 12.48 -11.78
C GLU C 198 -54.82 10.99 -11.74
N ILE C 199 -53.54 10.72 -11.98
CA ILE C 199 -53.11 9.33 -11.96
C ILE C 199 -52.77 8.90 -10.52
N GLY C 200 -52.81 9.87 -9.60
CA GLY C 200 -52.76 9.68 -8.15
C GLY C 200 -51.41 9.80 -7.50
N PHE C 201 -50.79 10.98 -7.57
CA PHE C 201 -49.49 11.24 -6.87
C PHE C 201 -49.52 12.43 -5.88
N SER C 202 -48.48 12.52 -5.02
CA SER C 202 -48.42 13.44 -3.83
C SER C 202 -48.76 14.93 -4.03
N VAL C 219 -43.55 28.00 -12.86
CA VAL C 219 -42.12 28.08 -13.30
C VAL C 219 -41.89 29.22 -14.28
N GLU C 220 -40.84 30.02 -14.05
CA GLU C 220 -40.51 31.12 -14.95
C GLU C 220 -39.82 30.55 -16.21
N ASP C 221 -40.35 30.93 -17.36
CA ASP C 221 -39.87 30.53 -18.67
C ASP C 221 -38.61 31.28 -19.15
N THR C 222 -37.66 31.46 -18.26
CA THR C 222 -36.38 32.13 -18.56
C THR C 222 -35.24 31.38 -17.95
N LEU C 223 -34.26 31.14 -18.77
CA LEU C 223 -33.09 30.36 -18.40
C LEU C 223 -32.20 31.19 -17.50
N ASN C 224 -31.66 30.59 -16.44
CA ASN C 224 -30.56 31.23 -15.67
C ASN C 224 -29.28 31.50 -16.47
N ILE C 225 -28.98 30.57 -17.38
CA ILE C 225 -27.78 30.58 -18.15
C ILE C 225 -28.32 30.84 -19.55
N LYS C 226 -28.29 32.08 -19.98
CA LYS C 226 -29.10 32.51 -21.15
C LYS C 226 -28.74 31.78 -22.45
N ASN C 227 -27.46 31.40 -22.59
CA ASN C 227 -26.96 30.92 -23.89
C ASN C 227 -27.03 29.38 -24.00
N MET C 228 -27.63 28.72 -23.01
CA MET C 228 -27.75 27.26 -22.99
CA MET C 228 -27.78 27.24 -23.00
C MET C 228 -28.46 26.87 -24.28
N ARG C 229 -27.80 26.05 -25.07
CA ARG C 229 -28.29 25.73 -26.40
C ARG C 229 -28.01 24.27 -26.74
N LEU C 230 -28.82 23.71 -27.62
CA LEU C 230 -28.68 22.30 -28.04
C LEU C 230 -27.27 22.04 -28.56
N MET C 231 -26.63 21.00 -28.02
CA MET C 231 -25.30 20.56 -28.41
C MET C 231 -25.23 20.24 -29.93
N LYS C 232 -24.11 20.64 -30.53
N LYS C 232 -24.13 20.63 -30.56
CA LYS C 232 -23.81 20.39 -31.95
CA LYS C 232 -23.87 20.35 -31.97
C LYS C 232 -22.56 19.54 -32.08
C LYS C 232 -22.57 19.57 -32.09
N LYS C 233 -22.30 19.02 -33.29
CA LYS C 233 -21.06 18.27 -33.57
C LYS C 233 -19.80 18.98 -33.19
N LYS C 234 -19.73 20.29 -33.50
CA LYS C 234 -18.53 21.07 -33.15
C LYS C 234 -18.25 21.11 -31.62
N ASP C 235 -19.26 20.81 -30.79
CA ASP C 235 -19.11 20.90 -29.32
C ASP C 235 -18.53 19.64 -28.68
N VAL C 236 -18.31 18.59 -29.50
CA VAL C 236 -17.95 17.29 -28.94
C VAL C 236 -16.66 17.35 -28.12
N GLU C 237 -15.59 17.95 -28.68
CA GLU C 237 -14.32 18.05 -27.98
CA GLU C 237 -14.32 18.08 -27.97
C GLU C 237 -14.51 18.75 -26.63
N GLY C 238 -15.27 19.85 -26.64
CA GLY C 238 -15.45 20.59 -25.42
C GLY C 238 -16.22 19.90 -24.30
N VAL C 239 -17.26 19.15 -24.67
CA VAL C 239 -18.04 18.34 -23.75
C VAL C 239 -17.14 17.22 -23.23
N HIS C 240 -16.34 16.62 -24.12
CA HIS C 240 -15.41 15.59 -23.72
C HIS C 240 -14.44 16.07 -22.61
N LYS C 241 -13.93 17.29 -22.76
CA LYS C 241 -13.03 17.94 -21.81
CA LYS C 241 -13.02 17.87 -21.80
C LYS C 241 -13.78 18.25 -20.53
N LEU C 242 -14.95 18.87 -20.65
CA LEU C 242 -15.66 19.30 -19.46
C LEU C 242 -16.13 18.10 -18.61
N LEU C 243 -16.72 17.13 -19.28
CA LEU C 243 -17.33 15.99 -18.56
C LEU C 243 -16.22 15.07 -18.10
N GLY C 244 -15.24 14.84 -18.96
CA GLY C 244 -14.08 14.01 -18.57
C GLY C 244 -13.39 14.51 -17.30
N SER C 245 -13.11 15.82 -17.21
CA SER C 245 -12.47 16.38 -16.02
CA SER C 245 -12.47 16.38 -16.01
C SER C 245 -13.39 16.27 -14.81
N TYR C 246 -14.68 16.57 -14.99
CA TYR C 246 -15.70 16.49 -13.90
C TYR C 246 -15.83 15.09 -13.28
N LEU C 247 -15.81 14.08 -14.12
CA LEU C 247 -16.12 12.72 -13.61
C LEU C 247 -15.02 12.09 -12.74
N GLU C 248 -13.77 12.57 -12.91
CA GLU C 248 -12.62 12.05 -12.18
C GLU C 248 -12.74 12.09 -10.66
N GLN C 249 -13.53 13.02 -10.10
CA GLN C 249 -13.74 13.08 -8.65
C GLN C 249 -14.52 11.86 -8.07
N PHE C 250 -15.24 11.10 -8.93
CA PHE C 250 -16.18 10.13 -8.41
C PHE C 250 -15.49 8.81 -8.21
N ASN C 251 -16.11 8.00 -7.36
CA ASN C 251 -15.60 6.70 -7.10
CA ASN C 251 -15.65 6.65 -7.04
C ASN C 251 -16.00 5.62 -8.13
N LEU C 252 -16.96 5.93 -9.01
CA LEU C 252 -17.50 5.03 -10.06
C LEU C 252 -17.98 5.84 -11.26
N TYR C 253 -17.32 5.74 -12.41
CA TYR C 253 -17.75 6.46 -13.60
C TYR C 253 -17.19 5.76 -14.83
N ALA C 254 -17.82 6.06 -15.97
CA ALA C 254 -17.30 5.62 -17.26
C ALA C 254 -16.25 6.58 -17.77
N VAL C 255 -15.22 6.03 -18.45
CA VAL C 255 -14.12 6.86 -18.97
C VAL C 255 -14.41 7.06 -20.45
N PHE C 256 -15.21 8.07 -20.72
CA PHE C 256 -15.71 8.34 -22.10
C PHE C 256 -14.59 8.64 -23.11
N THR C 257 -14.59 7.90 -24.20
CA THR C 257 -13.75 8.32 -25.33
C THR C 257 -14.43 9.44 -26.10
N LYS C 258 -13.71 10.12 -27.01
CA LYS C 258 -14.35 11.19 -27.73
C LYS C 258 -15.55 10.64 -28.58
N GLU C 259 -15.39 9.43 -29.15
CA GLU C 259 -16.43 8.83 -29.99
C GLU C 259 -17.65 8.51 -29.15
N GLU C 260 -17.39 8.21 -27.90
CA GLU C 260 -18.48 7.89 -26.96
C GLU C 260 -19.24 9.13 -26.54
N ILE C 261 -18.50 10.23 -26.38
CA ILE C 261 -19.19 11.53 -26.13
C ILE C 261 -20.15 11.85 -27.29
N ALA C 262 -19.67 11.73 -28.56
CA ALA C 262 -20.55 11.97 -29.71
C ALA C 262 -21.80 11.09 -29.66
N HIS C 263 -21.59 9.80 -29.33
CA HIS C 263 -22.72 8.90 -29.32
C HIS C 263 -23.73 9.19 -28.19
N TRP C 264 -23.20 9.35 -27.00
CA TRP C 264 -24.06 9.42 -25.81
C TRP C 264 -24.70 10.75 -25.63
N PHE C 265 -24.13 11.80 -26.24
CA PHE C 265 -24.66 13.15 -26.00
C PHE C 265 -25.25 13.91 -27.16
N LEU C 266 -24.87 13.57 -28.41
CA LEU C 266 -25.38 14.44 -29.53
C LEU C 266 -26.90 14.19 -29.62
N PRO C 267 -27.71 15.27 -29.68
CA PRO C 267 -29.12 15.11 -29.42
C PRO C 267 -29.89 14.33 -30.47
N ILE C 268 -30.92 13.62 -30.00
CA ILE C 268 -31.79 12.80 -30.87
C ILE C 268 -33.16 13.05 -30.31
N GLU C 269 -33.98 13.72 -31.12
CA GLU C 269 -35.35 14.06 -30.72
C GLU C 269 -36.03 12.86 -30.03
N ASN C 270 -36.66 13.12 -28.88
CA ASN C 270 -37.32 12.08 -28.08
C ASN C 270 -36.48 10.92 -27.59
N VAL C 271 -35.16 11.11 -27.49
CA VAL C 271 -34.26 10.06 -26.96
C VAL C 271 -33.26 10.72 -25.99
N ILE C 272 -32.44 11.62 -26.51
CA ILE C 272 -31.39 12.25 -25.74
C ILE C 272 -31.36 13.76 -26.08
N TYR C 273 -31.36 14.57 -25.03
CA TYR C 273 -31.31 16.07 -25.04
C TYR C 273 -30.02 16.49 -24.28
N THR C 274 -29.14 17.20 -24.96
CA THR C 274 -27.96 17.76 -24.30
C THR C 274 -27.84 19.18 -24.70
N TYR C 275 -27.51 20.06 -23.73
CA TYR C 275 -27.41 21.47 -23.97
C TYR C 275 -26.07 21.94 -23.42
N VAL C 276 -25.51 22.99 -24.04
CA VAL C 276 -24.20 23.48 -23.63
C VAL C 276 -24.22 25.00 -23.53
N ASN C 277 -23.29 25.52 -22.75
CA ASN C 277 -23.01 26.93 -22.68
C ASN C 277 -21.62 27.16 -23.16
N GLU C 278 -21.50 27.85 -24.30
CA GLU C 278 -20.23 28.13 -24.93
C GLU C 278 -19.88 29.61 -24.61
N GLU C 279 -18.81 29.80 -23.83
CA GLU C 279 -18.32 31.12 -23.43
CA GLU C 279 -18.32 31.14 -23.48
C GLU C 279 -16.90 31.28 -23.96
N ASN C 280 -16.69 32.28 -24.83
CA ASN C 280 -15.35 32.62 -25.29
C ASN C 280 -14.59 31.37 -25.87
N GLY C 281 -15.24 30.62 -26.76
CA GLY C 281 -14.63 29.49 -27.43
C GLY C 281 -14.72 28.16 -26.72
N LYS C 282 -15.04 28.16 -25.42
CA LYS C 282 -14.95 26.92 -24.60
C LYS C 282 -16.35 26.46 -24.08
N ILE C 283 -16.53 25.14 -23.94
CA ILE C 283 -17.76 24.61 -23.28
C ILE C 283 -17.62 24.69 -21.74
N LYS C 284 -18.40 25.55 -21.07
CA LYS C 284 -18.27 25.75 -19.64
C LYS C 284 -19.36 25.07 -18.77
N ASP C 285 -20.49 24.73 -19.39
CA ASP C 285 -21.61 24.13 -18.65
C ASP C 285 -22.36 23.17 -19.63
N MET C 286 -22.97 22.10 -19.10
CA MET C 286 -23.79 21.18 -19.88
C MET C 286 -24.91 20.61 -19.05
N ILE C 287 -26.02 20.35 -19.71
CA ILE C 287 -27.22 19.72 -19.15
C ILE C 287 -27.55 18.57 -20.11
N SER C 288 -27.92 17.42 -19.56
CA SER C 288 -28.45 16.35 -20.38
C SER C 288 -29.47 15.52 -19.62
N PHE C 289 -30.50 15.12 -20.36
CA PHE C 289 -31.51 14.21 -19.84
C PHE C 289 -32.02 13.34 -20.99
N TYR C 290 -32.42 12.09 -20.70
CA TYR C 290 -32.96 11.22 -21.70
C TYR C 290 -34.46 11.03 -21.53
N SER C 291 -35.10 10.60 -22.61
CA SER C 291 -36.59 10.57 -22.63
C SER C 291 -37.03 9.11 -22.46
N LEU C 292 -37.80 8.81 -21.43
CA LEU C 292 -38.20 7.41 -21.14
C LEU C 292 -39.63 7.48 -20.63
N PRO C 293 -40.59 7.34 -21.56
CA PRO C 293 -41.98 7.32 -21.08
C PRO C 293 -42.34 6.02 -20.34
N SER C 294 -43.44 6.09 -19.58
CA SER C 294 -44.02 4.91 -18.96
C SER C 294 -45.47 4.78 -19.44
N GLN C 295 -45.90 3.56 -19.75
CA GLN C 295 -47.33 3.29 -19.89
C GLN C 295 -48.04 3.51 -18.56
N ILE C 296 -49.20 4.21 -18.55
CA ILE C 296 -50.03 4.24 -17.32
C ILE C 296 -51.01 3.03 -17.30
N LEU C 297 -50.81 2.12 -16.34
CA LEU C 297 -51.47 0.81 -16.45
C LEU C 297 -52.94 0.91 -15.99
N GLY C 298 -53.84 0.37 -16.81
CA GLY C 298 -55.27 0.25 -16.43
C GLY C 298 -56.00 1.60 -16.32
N ASN C 299 -55.50 2.61 -17.05
CA ASN C 299 -56.02 4.01 -17.06
C ASN C 299 -56.51 4.38 -18.47
N ASP C 300 -57.80 4.66 -18.55
CA ASP C 300 -58.52 4.83 -19.81
C ASP C 300 -58.53 6.30 -20.23
N LYS C 301 -58.02 7.17 -19.34
CA LYS C 301 -57.96 8.65 -19.57
C LYS C 301 -56.56 9.10 -20.06
N TYR C 302 -55.51 8.46 -19.51
CA TYR C 302 -54.13 8.69 -19.96
C TYR C 302 -53.42 7.36 -20.19
N SER C 303 -52.70 7.28 -21.31
CA SER C 303 -51.97 6.09 -21.71
CA SER C 303 -51.97 6.07 -21.68
C SER C 303 -50.47 6.14 -21.35
N THR C 304 -49.88 7.35 -21.41
CA THR C 304 -48.40 7.52 -21.25
C THR C 304 -48.03 8.72 -20.36
N LEU C 305 -47.09 8.52 -19.46
CA LEU C 305 -46.47 9.63 -18.78
C LEU C 305 -45.13 9.93 -19.44
N ASN C 306 -44.86 11.18 -19.80
CA ASN C 306 -43.65 11.46 -20.54
C ASN C 306 -42.65 12.01 -19.56
N ALA C 307 -41.56 11.29 -19.37
CA ALA C 307 -40.67 11.56 -18.24
C ALA C 307 -39.27 11.80 -18.82
N ALA C 308 -38.63 12.84 -18.31
CA ALA C 308 -37.23 13.15 -18.56
C ALA C 308 -36.40 12.69 -17.39
N TYR C 309 -35.27 12.05 -17.68
CA TYR C 309 -34.38 11.50 -16.68
C TYR C 309 -33.08 12.18 -16.71
N SER C 310 -32.71 12.78 -15.60
CA SER C 310 -31.42 13.50 -15.45
C SER C 310 -30.24 12.59 -15.82
N PHE C 311 -29.34 13.10 -16.69
CA PHE C 311 -28.23 12.21 -17.20
C PHE C 311 -26.90 12.75 -16.63
N TYR C 312 -26.19 13.61 -17.38
CA TYR C 312 -25.00 14.26 -16.82
C TYR C 312 -25.12 15.80 -16.93
N ASN C 313 -24.84 16.45 -15.81
CA ASN C 313 -25.01 17.94 -15.63
C ASN C 313 -23.78 18.50 -14.93
N VAL C 314 -23.16 19.51 -15.58
CA VAL C 314 -21.89 20.09 -15.04
C VAL C 314 -21.98 21.59 -15.24
N THR C 315 -21.68 22.36 -14.19
CA THR C 315 -21.58 23.81 -14.30
C THR C 315 -20.25 24.34 -13.77
N THR C 316 -19.70 25.34 -14.48
CA THR C 316 -18.48 26.06 -14.01
C THR C 316 -18.69 27.56 -13.99
N THR C 317 -19.87 28.01 -14.44
CA THR C 317 -20.20 29.45 -14.46
C THR C 317 -21.47 29.81 -13.61
N ALA C 318 -22.16 28.81 -13.09
CA ALA C 318 -23.37 29.00 -12.31
C ALA C 318 -23.32 28.11 -11.07
N THR C 319 -24.33 28.17 -10.23
CA THR C 319 -24.47 27.19 -9.13
C THR C 319 -25.14 25.96 -9.66
N PHE C 320 -24.90 24.84 -9.01
CA PHE C 320 -25.63 23.61 -9.40
C PHE C 320 -27.13 23.69 -9.37
N LYS C 321 -27.66 24.34 -8.33
CA LYS C 321 -29.08 24.64 -8.31
C LYS C 321 -29.63 25.41 -9.55
N GLN C 322 -28.95 26.49 -9.94
CA GLN C 322 -29.29 27.22 -11.16
C GLN C 322 -29.28 26.31 -12.40
N LEU C 323 -28.22 25.53 -12.56
CA LEU C 323 -28.10 24.58 -13.66
C LEU C 323 -29.30 23.59 -13.72
N MET C 324 -29.63 23.02 -12.56
CA MET C 324 -30.71 21.99 -12.53
C MET C 324 -32.07 22.60 -12.72
N GLN C 325 -32.21 23.86 -12.25
CA GLN C 325 -33.42 24.63 -12.51
C GLN C 325 -33.60 24.83 -14.00
N ASP C 326 -32.52 25.16 -14.68
CA ASP C 326 -32.55 25.24 -16.13
C ASP C 326 -32.84 23.90 -16.80
N ALA C 327 -32.32 22.77 -16.27
CA ALA C 327 -32.62 21.47 -16.84
C ALA C 327 -34.15 21.17 -16.78
N ILE C 328 -34.77 21.49 -15.62
CA ILE C 328 -36.25 21.39 -15.42
C ILE C 328 -37.00 22.22 -16.43
N LEU C 329 -36.62 23.49 -16.61
CA LEU C 329 -37.23 24.34 -17.59
C LEU C 329 -37.06 23.80 -19.05
N LEU C 330 -35.87 23.26 -19.32
CA LEU C 330 -35.64 22.69 -20.66
C LEU C 330 -36.52 21.45 -20.89
N ALA C 331 -36.76 20.70 -19.82
CA ALA C 331 -37.63 19.54 -19.91
C ALA C 331 -39.09 19.98 -20.02
N LYS C 332 -39.40 21.08 -19.34
CA LYS C 332 -40.75 21.60 -19.43
C LYS C 332 -41.00 22.13 -20.86
N ARG C 333 -40.07 22.90 -21.42
CA ARG C 333 -40.16 23.36 -22.81
C ARG C 333 -40.29 22.23 -23.86
N ASN C 334 -39.79 21.04 -23.54
CA ASN C 334 -39.89 19.89 -24.42
C ASN C 334 -41.02 18.95 -24.08
N ASN C 335 -42.00 19.47 -23.36
CA ASN C 335 -43.32 18.84 -23.13
CA ASN C 335 -43.31 18.77 -23.25
C ASN C 335 -43.30 17.59 -22.23
N PHE C 336 -42.25 17.48 -21.39
CA PHE C 336 -42.18 16.41 -20.35
C PHE C 336 -43.12 16.65 -19.18
N ASP C 337 -43.65 15.56 -18.61
CA ASP C 337 -44.57 15.62 -17.45
C ASP C 337 -43.93 15.66 -16.11
N VAL C 338 -42.74 15.09 -16.04
CA VAL C 338 -42.05 14.86 -14.77
C VAL C 338 -40.55 14.79 -15.08
N PHE C 339 -39.73 15.16 -14.10
CA PHE C 339 -38.24 15.19 -14.29
C PHE C 339 -37.69 14.38 -13.14
N ASN C 340 -37.02 13.27 -13.48
CA ASN C 340 -36.66 12.20 -12.54
C ASN C 340 -35.15 12.19 -12.35
N ALA C 341 -34.71 12.17 -11.09
CA ALA C 341 -33.26 12.18 -10.81
C ALA C 341 -32.90 11.27 -9.66
N LEU C 342 -31.67 10.83 -9.65
CA LEU C 342 -31.15 9.94 -8.61
C LEU C 342 -30.22 10.73 -7.72
N GLU C 343 -30.08 10.33 -6.47
CA GLU C 343 -29.18 11.06 -5.54
C GLU C 343 -27.72 10.79 -5.78
N VAL C 344 -27.30 10.82 -7.07
CA VAL C 344 -25.89 10.60 -7.46
C VAL C 344 -25.21 11.93 -7.78
N MET C 345 -23.91 11.91 -7.95
CA MET C 345 -23.13 13.17 -8.24
C MET C 345 -23.57 14.28 -7.29
N GLN C 346 -23.86 15.50 -7.78
CA GLN C 346 -24.30 16.62 -6.93
C GLN C 346 -25.81 16.73 -6.75
N ASN C 347 -26.59 15.75 -7.19
CA ASN C 347 -28.01 15.96 -7.27
C ASN C 347 -28.71 16.15 -5.91
N LYS C 348 -28.28 15.38 -4.91
CA LYS C 348 -28.99 15.44 -3.60
C LYS C 348 -29.09 16.90 -3.10
N SER C 349 -28.02 17.70 -3.26
CA SER C 349 -28.01 19.14 -2.82
C SER C 349 -29.10 20.01 -3.38
N VAL C 350 -29.75 19.62 -4.46
CA VAL C 350 -30.74 20.54 -5.10
C VAL C 350 -32.20 20.15 -4.88
N PHE C 351 -32.40 18.94 -4.31
CA PHE C 351 -33.73 18.35 -4.35
C PHE C 351 -34.75 19.14 -3.53
N GLU C 352 -34.31 19.61 -2.36
CA GLU C 352 -35.19 20.40 -1.46
CA GLU C 352 -35.21 20.39 -1.47
C GLU C 352 -35.61 21.71 -2.14
N ASP C 353 -34.63 22.52 -2.54
CA ASP C 353 -34.96 23.84 -3.18
C ASP C 353 -35.72 23.78 -4.52
N LEU C 354 -35.41 22.76 -5.32
CA LEU C 354 -36.06 22.59 -6.58
C LEU C 354 -37.35 21.81 -6.54
N LYS C 355 -37.84 21.53 -5.32
CA LYS C 355 -39.20 21.00 -5.12
C LYS C 355 -39.40 19.59 -5.69
N PHE C 356 -38.31 18.82 -5.70
CA PHE C 356 -38.40 17.37 -5.91
C PHE C 356 -39.08 16.69 -4.75
N GLY C 357 -39.87 15.64 -5.01
CA GLY C 357 -40.36 14.78 -3.91
C GLY C 357 -39.63 13.46 -3.89
N GLU C 358 -39.15 13.03 -2.72
CA GLU C 358 -38.59 11.65 -2.58
C GLU C 358 -39.55 10.60 -3.12
N GLY C 359 -39.02 9.67 -3.95
CA GLY C 359 -39.81 8.54 -4.46
C GLY C 359 -40.04 7.40 -3.48
N ASP C 360 -40.47 6.26 -4.01
CA ASP C 360 -40.85 5.10 -3.22
C ASP C 360 -39.72 4.08 -2.95
N GLY C 361 -38.59 4.23 -3.63
CA GLY C 361 -37.54 3.25 -3.49
C GLY C 361 -36.28 3.78 -4.12
N SER C 362 -35.38 2.86 -4.44
CA SER C 362 -34.04 3.26 -4.86
C SER C 362 -33.56 2.34 -6.05
N LEU C 363 -32.50 2.81 -6.75
CA LEU C 363 -31.73 2.01 -7.74
C LEU C 363 -30.40 1.58 -7.12
N LYS C 364 -30.18 0.26 -7.15
CA LYS C 364 -28.95 -0.28 -6.61
C LYS C 364 -27.93 -0.43 -7.76
N TYR C 365 -26.66 -0.10 -7.48
CA TYR C 365 -25.56 -0.30 -8.42
C TYR C 365 -24.78 -1.56 -8.05
N TYR C 366 -24.44 -2.39 -9.08
CA TYR C 366 -23.76 -3.63 -8.88
C TYR C 366 -22.59 -3.80 -9.74
N LEU C 367 -21.64 -4.58 -9.24
CA LEU C 367 -20.54 -5.01 -10.11
C LEU C 367 -20.46 -6.52 -10.10
N TYR C 368 -19.98 -7.09 -11.19
CA TYR C 368 -19.82 -8.54 -11.27
C TYR C 368 -18.36 -8.83 -11.27
N ASN C 369 -17.92 -9.80 -10.45
CA ASN C 369 -16.51 -10.18 -10.37
C ASN C 369 -15.57 -9.03 -9.96
N TRP C 370 -16.06 -8.24 -9.01
CA TRP C 370 -15.31 -7.12 -8.47
C TRP C 370 -15.62 -6.95 -6.99
N LYS C 371 -14.54 -6.96 -6.21
CA LYS C 371 -14.59 -6.82 -4.78
C LYS C 371 -14.04 -5.41 -4.38
N CYS C 372 -14.84 -4.63 -3.69
CA CYS C 372 -14.42 -3.31 -3.21
C CYS C 372 -15.37 -2.82 -2.14
N ALA C 373 -14.94 -1.77 -1.40
CA ALA C 373 -15.76 -1.11 -0.39
C ALA C 373 -16.99 -0.43 -1.07
N SER C 374 -18.13 -0.56 -0.41
CA SER C 374 -19.31 0.07 -0.89
C SER C 374 -19.22 1.55 -0.55
N PHE C 375 -20.15 2.31 -1.10
CA PHE C 375 -20.08 3.76 -0.91
C PHE C 375 -21.41 4.50 -1.06
N ALA C 376 -21.42 5.73 -0.52
CA ALA C 376 -22.53 6.67 -0.61
C ALA C 376 -22.79 7.11 -2.08
N PRO C 377 -24.05 7.31 -2.48
CA PRO C 377 -24.35 7.58 -3.91
C PRO C 377 -23.86 8.94 -4.43
N ALA C 378 -23.64 9.93 -3.54
CA ALA C 378 -22.87 11.14 -3.95
C ALA C 378 -21.51 10.79 -4.57
N HIS C 379 -21.02 9.56 -4.31
CA HIS C 379 -19.76 9.07 -4.93
C HIS C 379 -19.93 8.33 -6.28
N VAL C 380 -21.18 8.11 -6.68
CA VAL C 380 -21.51 7.53 -7.95
C VAL C 380 -21.50 8.64 -9.05
N GLY C 381 -20.77 8.35 -10.12
CA GLY C 381 -20.66 9.26 -11.23
C GLY C 381 -21.06 8.57 -12.52
N ILE C 382 -22.01 7.63 -12.46
CA ILE C 382 -22.49 7.01 -13.68
C ILE C 382 -24.01 6.87 -13.61
N VAL C 383 -24.67 7.05 -14.75
CA VAL C 383 -26.10 6.85 -14.87
C VAL C 383 -26.36 5.83 -15.98
N LEU C 384 -27.04 4.71 -15.62
CA LEU C 384 -27.36 3.68 -16.62
C LEU C 384 -28.78 3.90 -17.10
N LEU C 385 -29.01 3.65 -18.38
CA LEU C 385 -30.34 3.86 -19.00
C LEU C 385 -31.47 2.99 -18.42
#